data_5E0A
#
_entry.id   5E0A
#
_cell.length_a   90.460
_cell.length_b   102.080
_cell.length_c   164.080
_cell.angle_alpha   90.00
_cell.angle_beta   90.00
_cell.angle_gamma   90.00
#
_symmetry.space_group_name_H-M   'I 2 2 2'
#
loop_
_entity.id
_entity.type
_entity.pdbx_description
1 polymer 'Peptidoglycan recognition protein 1'
2 non-polymer 2-acetamido-2-deoxy-beta-D-glucopyranose
3 non-polymer 'L(+)-TARTARIC ACID'
4 water water
#
_entity_poly.entity_id   1
_entity_poly.type   'polypeptide(L)'
_entity_poly.pdbx_seq_one_letter_code
;EDPPACGSIVPRREWRALASECRERLTRPVRYVVVSHTAGSHCDTPASCAQQAQNVQSYHVRNLGWCDVGYNFLIGEDGL
VYEGRGWNIKGAHAGPTWNPISIGISFMGNYMNRVPPPRALRAAQNLLACGVALGALRSNYEVKGHRDVQPTLSPGDRLY
EIIQTWSHYRA
;
_entity_poly.pdbx_strand_id   A,B,C,D
#
loop_
_chem_comp.id
_chem_comp.type
_chem_comp.name
_chem_comp.formula
NAG D-saccharide, beta linking 2-acetamido-2-deoxy-beta-D-glucopyranose 'C8 H15 N O6'
TLA non-polymer 'L(+)-TARTARIC ACID' 'C4 H6 O6'
#
# COMPACT_ATOMS: atom_id res chain seq x y z
N GLU A 1 9.49 6.63 26.94
CA GLU A 1 8.21 5.94 27.32
C GLU A 1 7.89 4.71 26.45
N ASP A 2 7.36 4.95 25.23
CA ASP A 2 6.96 3.86 24.34
C ASP A 2 6.42 4.40 23.03
N PRO A 3 6.55 3.66 21.89
CA PRO A 3 7.16 2.38 21.52
C PRO A 3 7.32 2.30 20.00
N PRO A 4 8.24 1.44 19.51
CA PRO A 4 8.32 1.39 18.05
C PRO A 4 8.11 -0.03 17.54
N ALA A 5 6.98 -0.28 16.87
CA ALA A 5 6.78 -1.59 16.27
C ALA A 5 7.84 -1.15 15.27
N CYS A 6 7.40 -0.70 14.11
CA CYS A 6 8.27 -0.11 13.11
C CYS A 6 9.51 -1.00 12.77
N GLY A 7 10.64 -0.37 12.49
CA GLY A 7 11.86 -1.11 12.20
C GLY A 7 13.08 -0.52 12.87
N SER A 8 14.24 -1.13 12.60
CA SER A 8 15.50 -0.70 13.18
C SER A 8 16.36 0.21 12.30
N ILE A 9 16.75 1.33 12.91
CA ILE A 9 17.51 2.39 12.26
C ILE A 9 18.79 2.74 13.05
N VAL A 10 19.89 2.95 12.33
CA VAL A 10 21.12 3.35 12.98
C VAL A 10 20.87 4.82 13.32
N PRO A 11 20.83 5.17 14.62
CA PRO A 11 20.59 6.55 15.05
C PRO A 11 21.75 7.51 14.75
N ARG A 12 21.43 8.81 14.80
CA ARG A 12 22.41 9.87 14.56
C ARG A 12 23.69 9.71 15.38
N ARG A 13 23.54 9.49 16.69
CA ARG A 13 24.67 9.33 17.60
C ARG A 13 25.63 8.22 17.17
N GLU A 14 25.07 7.07 16.81
CA GLU A 14 25.85 5.89 16.42
C GLU A 14 26.75 6.03 15.19
N TRP A 15 26.35 6.80 14.17
CA TRP A 15 27.22 6.97 13.01
C TRP A 15 28.02 8.27 13.14
N ARG A 16 27.96 8.87 14.33
CA ARG A 16 28.68 10.09 14.70
C ARG A 16 28.48 11.38 13.90
N ALA A 17 27.22 11.72 13.69
CA ALA A 17 26.82 12.88 12.93
C ALA A 17 26.93 14.17 13.72
N LEU A 18 27.22 15.27 13.01
CA LEU A 18 27.27 16.57 13.66
C LEU A 18 25.82 16.85 13.99
N ALA A 19 25.59 17.77 14.91
CA ALA A 19 24.24 18.14 15.32
C ALA A 19 23.53 18.87 14.19
N SER A 20 22.20 18.76 14.19
CA SER A 20 21.37 19.42 13.19
C SER A 20 21.09 20.87 13.59
N GLU A 21 21.11 21.75 12.61
CA GLU A 21 20.84 23.15 12.85
C GLU A 21 19.44 23.41 12.26
N CYS A 22 18.83 22.36 11.71
CA CYS A 22 17.50 22.48 11.11
C CYS A 22 16.38 22.62 12.15
N ARG A 23 15.34 23.40 11.80
CA ARG A 23 14.21 23.59 12.69
C ARG A 23 12.87 23.73 11.93
N GLU A 24 12.89 23.55 10.61
CA GLU A 24 11.68 23.61 9.78
C GLU A 24 11.07 22.21 9.83
N ARG A 25 9.73 22.14 9.92
CA ARG A 25 9.03 20.85 10.02
C ARG A 25 8.32 20.36 8.76
N LEU A 26 7.98 19.08 8.80
CA LEU A 26 7.27 18.37 7.74
C LEU A 26 5.90 18.13 8.36
N THR A 27 4.81 18.52 7.68
CA THR A 27 3.52 18.33 8.29
C THR A 27 3.35 16.81 8.51
N ARG A 28 2.77 16.46 9.66
CA ARG A 28 2.64 15.06 10.13
C ARG A 28 2.42 13.88 9.21
N PRO A 29 1.30 13.78 8.49
CA PRO A 29 1.17 12.60 7.62
C PRO A 29 1.71 12.95 6.23
N VAL A 30 2.80 12.30 5.82
CA VAL A 30 3.40 12.61 4.53
C VAL A 30 2.88 11.72 3.40
N ARG A 31 2.71 12.35 2.24
CA ARG A 31 2.16 11.69 1.06
C ARG A 31 3.13 11.10 0.07
N TYR A 32 4.23 11.79 -0.15
CA TYR A 32 5.20 11.35 -1.12
C TYR A 32 6.56 10.94 -0.57
N VAL A 33 7.22 10.06 -1.32
CA VAL A 33 8.55 9.58 -0.96
C VAL A 33 9.39 9.68 -2.22
N VAL A 34 10.52 10.40 -2.15
CA VAL A 34 11.39 10.52 -3.33
C VAL A 34 12.68 9.72 -3.12
N VAL A 35 12.94 8.80 -4.06
CA VAL A 35 14.13 7.95 -4.02
C VAL A 35 15.25 8.47 -4.93
N SER A 36 16.42 8.63 -4.33
CA SER A 36 17.59 9.13 -5.04
C SER A 36 18.81 8.27 -4.72
N HIS A 37 19.93 8.56 -5.40
CA HIS A 37 21.15 7.88 -5.03
C HIS A 37 22.10 9.03 -4.76
N THR A 38 23.10 8.77 -3.93
CA THR A 38 24.08 9.76 -3.54
C THR A 38 25.11 9.98 -4.64
N ALA A 39 25.26 9.00 -5.51
CA ALA A 39 26.23 9.08 -6.60
C ALA A 39 27.67 9.09 -6.06
N GLY A 40 27.82 8.66 -4.81
CA GLY A 40 29.12 8.60 -4.17
C GLY A 40 29.59 7.17 -4.04
N SER A 41 30.48 6.92 -3.11
CA SER A 41 31.01 5.56 -2.91
C SER A 41 29.98 4.62 -2.34
N HIS A 42 30.12 3.33 -2.68
CA HIS A 42 29.19 2.38 -2.12
C HIS A 42 29.78 1.75 -0.89
N CYS A 43 28.96 0.94 -0.27
CA CYS A 43 29.24 0.47 1.03
C CYS A 43 28.65 -0.90 1.42
N ASP A 44 29.40 -1.77 2.11
CA ASP A 44 28.82 -3.06 2.48
C ASP A 44 28.99 -3.59 3.92
N THR A 45 29.54 -2.79 4.83
CA THR A 45 29.69 -3.21 6.22
C THR A 45 29.27 -2.05 7.12
N PRO A 46 28.77 -2.35 8.33
CA PRO A 46 28.33 -1.31 9.26
C PRO A 46 29.41 -0.25 9.46
N ALA A 47 30.65 -0.70 9.48
CA ALA A 47 31.81 0.17 9.66
C ALA A 47 32.00 1.15 8.52
N SER A 48 32.12 0.63 7.31
CA SER A 48 32.31 1.52 6.19
C SER A 48 31.06 2.35 5.94
N CYS A 49 29.88 1.74 6.11
CA CYS A 49 28.64 2.47 5.89
C CYS A 49 28.50 3.69 6.74
N ALA A 50 28.81 3.57 8.02
CA ALA A 50 28.74 4.71 8.93
C ALA A 50 29.70 5.80 8.48
N GLN A 51 30.82 5.38 7.88
CA GLN A 51 31.83 6.33 7.42
C GLN A 51 31.30 7.17 6.26
N GLN A 52 30.62 6.52 5.30
CA GLN A 52 30.03 7.21 4.16
C GLN A 52 28.95 8.18 4.61
N ALA A 53 28.14 7.75 5.57
CA ALA A 53 27.09 8.60 6.08
C ALA A 53 27.75 9.92 6.49
N GLN A 54 28.86 9.88 7.20
CA GLN A 54 29.53 11.12 7.60
C GLN A 54 30.07 11.91 6.43
N ASN A 55 30.75 11.24 5.49
CA ASN A 55 31.30 11.95 4.33
C ASN A 55 30.19 12.74 3.62
N VAL A 56 29.02 12.12 3.46
CA VAL A 56 27.88 12.76 2.81
C VAL A 56 27.36 13.93 3.65
N GLN A 57 27.16 13.72 4.95
CA GLN A 57 26.68 14.81 5.79
C GLN A 57 27.71 15.94 5.81
N SER A 58 28.97 15.53 5.93
CA SER A 58 30.08 16.45 5.96
C SER A 58 30.01 17.36 4.72
N TYR A 59 29.82 16.77 3.56
CA TYR A 59 29.74 17.54 2.33
C TYR A 59 28.56 18.49 2.32
N HIS A 60 27.44 18.05 2.89
CA HIS A 60 26.22 18.86 2.93
C HIS A 60 26.29 20.05 3.88
N VAL A 61 26.89 19.81 5.03
CA VAL A 61 26.98 20.83 6.06
C VAL A 61 28.16 21.79 5.86
N ARG A 62 29.34 21.24 5.63
CA ARG A 62 30.55 22.03 5.45
C ARG A 62 30.69 22.77 4.14
N ASN A 63 30.37 22.08 3.05
CA ASN A 63 30.51 22.66 1.73
C ASN A 63 29.31 23.38 1.12
N LEU A 64 28.11 22.85 1.31
CA LEU A 64 26.94 23.51 0.77
C LEU A 64 26.29 24.32 1.89
N GLY A 65 26.82 24.18 3.09
CA GLY A 65 26.28 24.93 4.21
C GLY A 65 24.80 24.73 4.52
N TRP A 66 24.33 23.48 4.43
CA TRP A 66 22.94 23.20 4.75
C TRP A 66 22.89 22.98 6.24
N CYS A 67 21.68 22.98 6.82
CA CYS A 67 21.54 22.81 8.27
C CYS A 67 21.88 21.40 8.76
N ASP A 68 21.85 20.44 7.84
CA ASP A 68 22.15 19.04 8.16
C ASP A 68 22.19 18.25 6.85
N VAL A 69 22.38 16.93 6.96
CA VAL A 69 22.43 16.04 5.80
C VAL A 69 21.11 16.30 5.07
N GLY A 70 21.13 16.35 3.74
CA GLY A 70 19.91 16.63 2.99
C GLY A 70 18.77 15.62 3.00
N TYR A 71 19.12 14.35 3.21
CA TYR A 71 18.10 13.32 3.19
C TYR A 71 17.48 13.05 4.54
N ASN A 72 16.29 12.47 4.50
CA ASN A 72 15.59 12.12 5.71
C ASN A 72 16.19 10.80 6.21
N PHE A 73 16.57 9.94 5.26
CA PHE A 73 17.19 8.65 5.58
C PHE A 73 18.15 8.22 4.48
N LEU A 74 19.22 7.53 4.86
CA LEU A 74 20.19 7.00 3.90
C LEU A 74 20.21 5.48 4.07
N ILE A 75 20.35 4.78 2.96
CA ILE A 75 20.35 3.32 2.94
C ILE A 75 21.68 2.77 2.47
N GLY A 76 22.19 1.77 3.17
CA GLY A 76 23.46 1.18 2.79
C GLY A 76 23.39 -0.21 2.21
N GLU A 77 24.46 -0.64 1.57
CA GLU A 77 24.45 -1.98 0.97
C GLU A 77 24.83 -2.97 2.04
N ASP A 78 24.99 -2.47 3.26
CA ASP A 78 25.30 -3.30 4.41
C ASP A 78 23.93 -3.70 4.96
N GLY A 79 22.89 -3.33 4.22
CA GLY A 79 21.54 -3.67 4.62
C GLY A 79 20.97 -2.85 5.76
N LEU A 80 21.64 -1.78 6.17
CA LEU A 80 21.11 -0.96 7.27
C LEU A 80 20.61 0.41 6.80
N VAL A 81 19.71 0.99 7.58
CA VAL A 81 19.16 2.30 7.33
C VAL A 81 19.79 3.26 8.33
N TYR A 82 20.31 4.36 7.81
CA TYR A 82 20.97 5.36 8.63
C TYR A 82 20.11 6.59 8.80
N GLU A 83 19.96 7.04 10.05
CA GLU A 83 19.14 8.20 10.35
C GLU A 83 19.71 9.51 9.85
N GLY A 84 18.88 10.25 9.12
CA GLY A 84 19.28 11.55 8.59
C GLY A 84 18.39 12.59 9.25
N ARG A 85 17.66 13.37 8.47
CA ARG A 85 16.80 14.35 9.11
C ARG A 85 15.64 13.65 9.80
N GLY A 86 15.35 12.42 9.40
CA GLY A 86 14.28 11.69 10.05
C GLY A 86 12.87 11.93 9.51
N TRP A 87 11.88 11.52 10.29
CA TRP A 87 10.48 11.66 9.90
C TRP A 87 9.88 13.07 10.03
N ASN A 88 10.31 13.83 11.02
CA ASN A 88 9.75 15.15 11.27
C ASN A 88 10.32 16.38 10.57
N ILE A 89 11.62 16.37 10.30
CA ILE A 89 12.26 17.53 9.69
C ILE A 89 12.32 17.50 8.17
N LYS A 90 11.99 18.65 7.59
CA LYS A 90 12.00 18.83 6.16
C LYS A 90 13.43 18.70 5.65
N GLY A 91 13.61 17.93 4.57
CA GLY A 91 14.94 17.74 3.99
C GLY A 91 15.16 18.61 2.76
N ALA A 92 16.37 18.55 2.21
CA ALA A 92 16.78 19.29 1.02
C ALA A 92 17.27 18.26 0.03
N HIS A 93 16.35 17.70 -0.74
CA HIS A 93 16.75 16.64 -1.66
C HIS A 93 16.07 16.66 -3.01
N ALA A 94 15.03 17.47 -3.15
CA ALA A 94 14.33 17.47 -4.42
C ALA A 94 13.71 18.78 -4.87
N GLY A 95 14.32 19.91 -4.53
CA GLY A 95 13.72 21.17 -4.99
C GLY A 95 12.75 21.72 -3.96
N PRO A 96 12.57 23.05 -3.94
CA PRO A 96 11.70 23.87 -3.07
C PRO A 96 10.22 23.55 -3.14
N THR A 97 9.87 22.86 -4.20
CA THR A 97 8.52 22.47 -4.54
C THR A 97 8.15 21.07 -4.01
N TRP A 98 9.14 20.17 -3.92
CA TRP A 98 8.92 18.83 -3.42
C TRP A 98 9.44 18.58 -2.00
N ASN A 99 10.33 19.44 -1.50
CA ASN A 99 10.91 19.29 -0.15
C ASN A 99 9.92 19.46 1.00
N PRO A 100 8.92 20.35 0.86
CA PRO A 100 7.98 20.52 1.97
C PRO A 100 7.01 19.37 2.11
N ILE A 101 6.86 18.58 1.06
CA ILE A 101 5.86 17.55 1.09
C ILE A 101 6.23 16.08 0.98
N SER A 102 7.53 15.80 1.01
CA SER A 102 7.98 14.44 0.88
C SER A 102 9.10 14.06 1.82
N ILE A 103 9.44 12.77 1.78
CA ILE A 103 10.52 12.20 2.54
C ILE A 103 11.45 11.73 1.46
N GLY A 104 12.72 12.10 1.61
CA GLY A 104 13.70 11.72 0.63
C GLY A 104 14.60 10.66 1.25
N ILE A 105 14.63 9.47 0.66
CA ILE A 105 15.52 8.43 1.15
C ILE A 105 16.49 8.22 0.02
N SER A 106 17.76 8.06 0.38
CA SER A 106 18.80 7.93 -0.62
C SER A 106 19.67 6.71 -0.40
N PHE A 107 19.96 5.97 -1.48
CA PHE A 107 20.83 4.81 -1.39
C PHE A 107 22.27 5.32 -1.53
N MET A 108 23.16 4.89 -0.65
CA MET A 108 24.52 5.36 -0.73
C MET A 108 25.29 4.62 -1.84
N GLY A 109 25.53 5.33 -2.93
CA GLY A 109 26.25 4.74 -4.05
C GLY A 109 25.81 5.32 -5.37
N ASN A 110 26.24 4.71 -6.47
CA ASN A 110 25.86 5.20 -7.79
C ASN A 110 25.31 4.01 -8.55
N TYR A 111 23.99 4.00 -8.70
CA TYR A 111 23.34 2.90 -9.36
C TYR A 111 23.00 3.09 -10.83
N MET A 112 23.87 3.83 -11.50
CA MET A 112 23.73 4.10 -12.92
C MET A 112 23.89 2.76 -13.67
N ASN A 113 24.94 2.01 -13.42
CA ASN A 113 25.07 0.70 -14.06
C ASN A 113 25.60 -0.31 -13.07
N ARG A 114 24.89 -0.35 -11.94
CA ARG A 114 25.17 -1.23 -10.81
C ARG A 114 23.85 -1.32 -10.05
N VAL A 115 23.54 -2.48 -9.52
CA VAL A 115 22.28 -2.66 -8.81
C VAL A 115 22.49 -2.81 -7.30
N PRO A 116 21.56 -2.28 -6.48
CA PRO A 116 21.81 -2.46 -5.04
C PRO A 116 21.47 -3.90 -4.69
N PRO A 117 22.09 -4.44 -3.63
CA PRO A 117 21.84 -5.82 -3.21
C PRO A 117 20.47 -5.99 -2.55
N PRO A 118 19.89 -7.21 -2.62
CA PRO A 118 18.57 -7.45 -2.02
C PRO A 118 18.36 -6.90 -0.60
N ARG A 119 19.33 -7.06 0.29
CA ARG A 119 19.15 -6.57 1.66
C ARG A 119 19.02 -5.05 1.74
N ALA A 120 19.56 -4.32 0.77
CA ALA A 120 19.42 -2.86 0.80
C ALA A 120 17.99 -2.51 0.38
N LEU A 121 17.48 -3.21 -0.62
CA LEU A 121 16.14 -2.93 -1.10
C LEU A 121 15.13 -3.28 -0.02
N ARG A 122 15.40 -4.38 0.67
CA ARG A 122 14.55 -4.89 1.74
C ARG A 122 14.52 -3.89 2.91
N ALA A 123 15.65 -3.22 3.17
CA ALA A 123 15.76 -2.25 4.24
C ALA A 123 14.92 -1.01 3.96
N ALA A 124 14.94 -0.58 2.71
CA ALA A 124 14.19 0.58 2.27
C ALA A 124 12.69 0.32 2.35
N GLN A 125 12.24 -0.82 1.82
CA GLN A 125 10.83 -1.15 1.85
C GLN A 125 10.37 -1.30 3.29
N ASN A 126 11.18 -1.95 4.10
CA ASN A 126 10.84 -2.12 5.50
C ASN A 126 10.72 -0.75 6.18
N LEU A 127 11.66 0.15 5.87
CA LEU A 127 11.66 1.51 6.44
C LEU A 127 10.37 2.28 6.17
N LEU A 128 9.81 2.12 4.98
CA LEU A 128 8.60 2.80 4.60
C LEU A 128 7.43 2.12 5.31
N ALA A 129 7.45 0.80 5.37
CA ALA A 129 6.39 0.08 6.06
C ALA A 129 6.33 0.60 7.50
N CYS A 130 7.48 0.84 8.09
CA CYS A 130 7.52 1.36 9.44
C CYS A 130 6.93 2.76 9.48
N GLY A 131 7.17 3.51 8.40
CA GLY A 131 6.67 4.88 8.31
C GLY A 131 5.17 5.03 8.44
N VAL A 132 4.40 4.13 7.84
CA VAL A 132 2.96 4.26 7.93
C VAL A 132 2.50 3.69 9.28
N ALA A 133 3.30 2.80 9.87
CA ALA A 133 2.95 2.22 11.16
C ALA A 133 2.99 3.37 12.18
N LEU A 134 3.96 4.26 12.04
CA LEU A 134 4.13 5.42 12.92
C LEU A 134 3.13 6.55 12.63
N GLY A 135 2.58 6.57 11.43
CA GLY A 135 1.66 7.64 11.09
C GLY A 135 2.42 8.80 10.48
N ALA A 136 3.67 8.53 10.11
CA ALA A 136 4.51 9.55 9.50
C ALA A 136 4.19 9.59 8.02
N LEU A 137 3.84 8.42 7.48
CA LEU A 137 3.47 8.30 6.06
C LEU A 137 2.03 7.90 5.91
N ARG A 138 1.43 8.30 4.79
CA ARG A 138 0.06 7.95 4.51
C ARG A 138 0.10 6.49 4.14
N SER A 139 -0.96 5.78 4.49
CA SER A 139 -1.06 4.37 4.16
C SER A 139 -0.99 4.27 2.63
N ASN A 140 -1.51 5.29 1.96
CA ASN A 140 -1.52 5.33 0.49
C ASN A 140 -0.45 6.27 -0.07
N TYR A 141 0.76 6.20 0.51
CA TYR A 141 1.86 7.05 0.07
C TYR A 141 2.28 6.77 -1.35
N GLU A 142 3.03 7.68 -1.94
CA GLU A 142 3.48 7.48 -3.32
C GLU A 142 4.96 7.65 -3.45
N VAL A 143 5.61 6.63 -4.00
CA VAL A 143 7.05 6.65 -4.23
C VAL A 143 7.32 7.26 -5.59
N LYS A 144 8.34 8.12 -5.69
CA LYS A 144 8.72 8.72 -6.97
C LYS A 144 10.22 8.64 -7.12
N GLY A 145 10.69 8.67 -8.36
CA GLY A 145 12.12 8.63 -8.56
C GLY A 145 12.60 10.06 -8.52
N HIS A 146 13.86 10.28 -8.21
CA HIS A 146 14.38 11.63 -8.15
C HIS A 146 14.25 12.26 -9.54
N ARG A 147 14.47 11.46 -10.57
CA ARG A 147 14.37 11.95 -11.95
C ARG A 147 12.92 12.29 -12.37
N ASP A 148 11.92 11.73 -11.70
CA ASP A 148 10.54 12.03 -12.07
C ASP A 148 10.13 13.43 -11.60
N VAL A 149 10.86 13.92 -10.61
CA VAL A 149 10.60 15.19 -9.96
C VAL A 149 11.49 16.38 -10.34
N GLN A 150 12.74 16.08 -10.72
CA GLN A 150 13.67 17.11 -11.16
C GLN A 150 14.69 16.47 -12.09
N PRO A 151 15.18 17.24 -13.07
CA PRO A 151 16.17 16.79 -14.06
C PRO A 151 17.47 16.28 -13.51
N THR A 152 17.54 14.97 -13.35
CA THR A 152 18.74 14.35 -12.80
C THR A 152 18.65 12.90 -13.18
N LEU A 153 19.77 12.22 -13.13
CA LEU A 153 19.82 10.79 -13.46
C LEU A 153 19.52 10.01 -12.19
N SER A 154 19.59 10.72 -11.07
CA SER A 154 19.30 10.12 -9.78
C SER A 154 17.89 9.55 -9.91
N PRO A 155 17.65 8.35 -9.38
CA PRO A 155 18.52 7.46 -8.61
C PRO A 155 19.44 6.49 -9.36
N GLY A 156 19.67 6.71 -10.64
CA GLY A 156 20.53 5.79 -11.37
C GLY A 156 19.68 4.79 -12.11
N ASP A 157 20.00 4.52 -13.37
CA ASP A 157 19.20 3.59 -14.16
C ASP A 157 18.80 2.25 -13.56
N ARG A 158 19.78 1.50 -13.04
CA ARG A 158 19.48 0.19 -12.48
C ARG A 158 18.51 0.21 -11.30
N LEU A 159 18.68 1.19 -10.41
CA LEU A 159 17.81 1.31 -9.25
C LEU A 159 16.45 1.88 -9.68
N TYR A 160 16.46 2.87 -10.57
CA TYR A 160 15.21 3.48 -11.04
C TYR A 160 14.32 2.40 -11.68
N GLU A 161 14.96 1.53 -12.45
CA GLU A 161 14.32 0.43 -13.15
C GLU A 161 13.59 -0.50 -12.15
N ILE A 162 14.20 -0.68 -10.98
CA ILE A 162 13.65 -1.56 -9.93
C ILE A 162 12.49 -0.97 -9.14
N ILE A 163 12.61 0.29 -8.75
CA ILE A 163 11.56 0.93 -7.97
C ILE A 163 10.26 1.16 -8.73
N GLN A 164 10.31 1.02 -10.05
CA GLN A 164 9.08 1.17 -10.83
C GLN A 164 8.20 -0.04 -10.59
N THR A 165 8.82 -1.16 -10.23
CA THR A 165 8.08 -2.40 -9.95
C THR A 165 7.52 -2.37 -8.53
N TRP A 166 7.82 -1.30 -7.80
CA TRP A 166 7.32 -1.21 -6.44
C TRP A 166 5.85 -0.89 -6.39
N SER A 167 5.17 -1.60 -5.54
CA SER A 167 3.73 -1.47 -5.33
C SER A 167 3.19 -0.05 -5.17
N HIS A 168 4.00 0.85 -4.64
CA HIS A 168 3.54 2.21 -4.40
C HIS A 168 4.06 3.29 -5.36
N TYR A 169 4.78 2.86 -6.38
CA TYR A 169 5.35 3.77 -7.36
C TYR A 169 4.28 4.39 -8.23
N ARG A 170 4.28 5.72 -8.32
CA ARG A 170 3.30 6.44 -9.15
C ARG A 170 3.93 7.39 -10.17
N ALA A 171 3.56 7.17 -11.42
CA ALA A 171 3.97 7.96 -12.59
C ALA A 171 4.93 9.12 -12.32
N GLU B 1 7.08 -9.28 -0.29
CA GLU B 1 6.88 -8.43 0.91
C GLU B 1 6.41 -9.27 2.10
N ASP B 2 6.54 -8.74 3.31
CA ASP B 2 6.00 -9.48 4.46
C ASP B 2 4.92 -8.59 5.09
N PRO B 3 3.79 -9.23 5.47
CA PRO B 3 2.60 -8.62 6.05
C PRO B 3 2.70 -7.18 6.62
N PRO B 4 3.09 -7.01 7.91
CA PRO B 4 3.18 -5.64 8.45
C PRO B 4 4.64 -5.25 8.58
N ALA B 5 4.88 -4.08 9.17
CA ALA B 5 6.25 -3.61 9.38
C ALA B 5 6.98 -4.72 10.13
N CYS B 6 7.76 -5.48 9.38
CA CYS B 6 8.48 -6.59 9.88
C CYS B 6 9.89 -6.59 9.35
N GLY B 7 10.77 -6.07 10.19
CA GLY B 7 12.18 -5.87 9.94
C GLY B 7 13.32 -6.64 9.31
N SER B 8 13.42 -6.58 7.99
CA SER B 8 14.56 -7.11 7.27
C SER B 8 15.23 -8.44 7.63
N ILE B 9 14.46 -9.53 7.64
CA ILE B 9 15.03 -10.83 7.92
C ILE B 9 15.73 -11.24 6.64
N VAL B 10 16.94 -11.79 6.77
CA VAL B 10 17.67 -12.26 5.60
C VAL B 10 17.09 -13.65 5.38
N PRO B 11 16.51 -13.93 4.20
CA PRO B 11 15.91 -15.24 3.93
C PRO B 11 16.92 -16.40 3.76
N ARG B 12 16.46 -17.61 4.04
CA ARG B 12 17.31 -18.81 3.94
C ARG B 12 18.11 -18.88 2.65
N ARG B 13 17.41 -18.73 1.53
CA ARG B 13 18.08 -18.83 0.24
C ARG B 13 19.21 -17.82 0.07
N GLU B 14 19.13 -16.68 0.76
CA GLU B 14 20.16 -15.67 0.65
C GLU B 14 21.46 -16.01 1.39
N TRP B 15 21.38 -16.76 2.50
CA TRP B 15 22.62 -17.14 3.17
C TRP B 15 23.04 -18.56 2.79
N ARG B 16 22.43 -19.08 1.72
CA ARG B 16 22.75 -20.41 1.18
C ARG B 16 22.45 -21.59 2.08
N ALA B 17 21.30 -21.55 2.76
CA ALA B 17 20.91 -22.62 3.68
C ALA B 17 20.54 -23.93 3.00
N LEU B 18 20.90 -25.04 3.64
CA LEU B 18 20.54 -26.36 3.12
C LEU B 18 19.04 -26.42 3.31
N ALA B 19 18.35 -27.19 2.49
CA ALA B 19 16.90 -27.29 2.60
C ALA B 19 16.47 -27.87 3.94
N SER B 20 15.39 -27.34 4.48
CA SER B 20 14.91 -27.84 5.76
C SER B 20 14.15 -29.15 5.54
N GLU B 21 14.10 -29.99 6.57
CA GLU B 21 13.37 -31.23 6.51
C GLU B 21 12.49 -31.32 7.77
N CYS B 22 12.40 -30.22 8.53
CA CYS B 22 11.59 -30.18 9.75
C CYS B 22 10.12 -30.01 9.44
N ARG B 23 9.31 -30.80 10.12
CA ARG B 23 7.87 -30.83 9.90
C ARG B 23 6.94 -30.38 10.98
N GLU B 24 7.40 -30.53 12.21
CA GLU B 24 6.62 -30.14 13.38
C GLU B 24 6.27 -28.67 13.38
N ARG B 25 4.98 -28.39 13.49
CA ARG B 25 4.51 -27.01 13.51
C ARG B 25 4.56 -26.38 14.89
N LEU B 26 4.47 -25.06 14.92
CA LEU B 26 4.48 -24.31 16.17
C LEU B 26 3.08 -23.73 16.31
N THR B 27 2.45 -23.88 17.47
CA THR B 27 1.10 -23.34 17.68
C THR B 27 1.24 -21.82 17.48
N ARG B 28 0.46 -21.26 16.54
CA ARG B 28 0.62 -19.86 16.16
C ARG B 28 0.90 -18.76 17.16
N PRO B 29 0.01 -18.51 18.12
CA PRO B 29 0.30 -17.45 19.08
C PRO B 29 1.18 -18.07 20.15
N VAL B 30 2.49 -17.79 20.03
CA VAL B 30 3.48 -18.29 20.95
C VAL B 30 3.67 -17.28 22.06
N ARG B 31 3.95 -17.79 23.26
CA ARG B 31 4.09 -16.97 24.44
C ARG B 31 5.48 -16.58 24.88
N TYR B 32 6.44 -17.47 24.63
CA TYR B 32 7.80 -17.26 25.06
C TYR B 32 8.86 -17.04 24.01
N VAL B 33 9.95 -16.44 24.46
CA VAL B 33 11.11 -16.19 23.64
C VAL B 33 12.31 -16.51 24.53
N VAL B 34 13.09 -17.49 24.11
CA VAL B 34 14.29 -17.89 24.85
C VAL B 34 15.46 -17.36 24.05
N VAL B 35 16.33 -16.61 24.71
CA VAL B 35 17.51 -16.03 24.06
C VAL B 35 18.74 -16.82 24.47
N SER B 36 19.50 -17.24 23.47
CA SER B 36 20.70 -18.03 23.70
C SER B 36 21.84 -17.40 22.91
N HIS B 37 23.03 -17.97 23.02
CA HIS B 37 24.16 -17.51 22.20
C HIS B 37 24.68 -18.77 21.55
N THR B 38 25.32 -18.65 20.39
CA THR B 38 25.82 -19.86 19.74
C THR B 38 27.08 -20.42 20.42
N ALA B 39 27.91 -19.53 20.97
CA ALA B 39 29.18 -19.92 21.60
C ALA B 39 30.14 -20.23 20.45
N GLY B 40 29.83 -19.71 19.26
CA GLY B 40 30.70 -19.94 18.13
C GLY B 40 31.51 -18.69 17.84
N SER B 41 32.00 -18.58 16.61
CA SER B 41 32.78 -17.43 16.19
C SER B 41 31.81 -16.27 16.09
N HIS B 42 32.29 -15.05 16.33
CA HIS B 42 31.37 -13.94 16.21
C HIS B 42 31.45 -13.37 14.80
N CYS B 43 30.58 -12.43 14.54
CA CYS B 43 30.38 -11.99 13.20
C CYS B 43 30.02 -10.51 12.97
N ASP B 44 30.71 -9.76 12.10
CA ASP B 44 30.29 -8.36 11.98
C ASP B 44 30.07 -7.71 10.62
N THR B 45 29.92 -8.51 9.56
CA THR B 45 29.62 -8.00 8.22
C THR B 45 28.60 -8.98 7.65
N PRO B 46 27.86 -8.58 6.60
CA PRO B 46 26.88 -9.55 6.08
C PRO B 46 27.52 -10.76 5.42
N ALA B 47 28.70 -10.53 4.81
CA ALA B 47 29.42 -11.60 4.15
C ALA B 47 29.85 -12.60 5.19
N SER B 48 30.50 -12.10 6.24
CA SER B 48 30.96 -13.02 7.25
C SER B 48 29.84 -13.64 8.10
N CYS B 49 28.69 -12.96 8.27
CA CYS B 49 27.55 -13.53 9.06
C CYS B 49 26.77 -14.59 8.32
N ALA B 50 26.73 -14.47 7.00
CA ALA B 50 26.05 -15.44 6.16
C ALA B 50 26.92 -16.69 6.25
N GLN B 51 28.22 -16.54 6.13
CA GLN B 51 29.11 -17.70 6.23
C GLN B 51 28.94 -18.36 7.63
N GLN B 52 28.88 -17.57 8.70
CA GLN B 52 28.68 -18.12 10.04
C GLN B 52 27.35 -18.84 10.19
N ALA B 53 26.33 -18.37 9.47
CA ALA B 53 25.02 -19.02 9.53
C ALA B 53 25.17 -20.37 8.85
N GLN B 54 25.91 -20.41 7.74
CA GLN B 54 26.12 -21.67 7.04
C GLN B 54 26.88 -22.65 7.94
N ASN B 55 27.85 -22.14 8.69
CA ASN B 55 28.63 -22.99 9.58
C ASN B 55 27.78 -23.57 10.73
N VAL B 56 26.88 -22.78 11.31
CA VAL B 56 26.08 -23.33 12.40
C VAL B 56 25.11 -24.41 11.94
N GLN B 57 24.30 -24.09 10.92
CA GLN B 57 23.33 -25.04 10.37
C GLN B 57 24.05 -26.30 9.93
N SER B 58 25.23 -26.13 9.34
CA SER B 58 26.03 -27.27 8.88
C SER B 58 26.29 -28.22 10.05
N TYR B 59 26.76 -27.67 11.17
CA TYR B 59 27.03 -28.49 12.33
C TYR B 59 25.78 -29.22 12.80
N HIS B 60 24.68 -28.50 12.87
CA HIS B 60 23.42 -29.10 13.31
C HIS B 60 22.87 -30.22 12.39
N VAL B 61 23.00 -30.03 11.08
CA VAL B 61 22.50 -30.99 10.10
C VAL B 61 23.48 -32.12 9.74
N ARG B 62 24.65 -31.76 9.21
CA ARG B 62 25.64 -32.76 8.83
C ARG B 62 26.01 -33.61 10.05
N ASN B 63 26.47 -32.96 11.11
CA ASN B 63 26.89 -33.69 12.30
C ASN B 63 25.89 -34.18 13.34
N LEU B 64 25.10 -33.30 13.96
CA LEU B 64 24.16 -33.76 14.99
C LEU B 64 22.97 -34.52 14.42
N GLY B 65 22.80 -34.47 13.09
CA GLY B 65 21.69 -35.17 12.47
C GLY B 65 20.32 -34.50 12.48
N TRP B 66 20.22 -33.25 12.94
CA TRP B 66 18.93 -32.56 12.97
C TRP B 66 18.34 -32.22 11.61
N CYS B 67 17.03 -31.94 11.58
CA CYS B 67 16.34 -31.59 10.33
C CYS B 67 16.67 -30.20 9.77
N ASP B 68 17.33 -29.35 10.56
CA ASP B 68 17.69 -27.99 10.15
C ASP B 68 18.37 -27.31 11.33
N VAL B 69 18.87 -26.09 11.13
CA VAL B 69 19.53 -25.35 12.21
C VAL B 69 18.55 -25.33 13.38
N GLY B 70 19.05 -25.52 14.59
CA GLY B 70 18.18 -25.59 15.73
C GLY B 70 17.33 -24.39 16.12
N TYR B 71 17.89 -23.18 16.00
CA TYR B 71 17.17 -21.98 16.37
C TYR B 71 16.19 -21.47 15.31
N ASN B 72 15.21 -20.71 15.77
CA ASN B 72 14.19 -20.12 14.90
C ASN B 72 14.75 -18.95 14.12
N PHE B 73 15.65 -18.21 14.76
CA PHE B 73 16.26 -17.03 14.15
C PHE B 73 17.67 -16.86 14.72
N LEU B 74 18.60 -16.39 13.89
CA LEU B 74 19.97 -16.13 14.32
C LEU B 74 20.23 -14.64 14.13
N ILE B 75 21.03 -14.05 15.01
CA ILE B 75 21.36 -12.63 14.92
C ILE B 75 22.85 -12.36 14.80
N GLY B 76 23.20 -11.41 13.94
CA GLY B 76 24.61 -11.12 13.75
C GLY B 76 25.03 -9.79 14.30
N GLU B 77 26.32 -9.63 14.54
CA GLU B 77 26.81 -8.37 15.06
C GLU B 77 26.87 -7.39 13.91
N ASP B 78 26.49 -7.87 12.72
CA ASP B 78 26.42 -7.02 11.54
C ASP B 78 25.06 -6.33 11.72
N GLY B 79 24.34 -6.74 12.77
CA GLY B 79 23.04 -6.15 13.06
C GLY B 79 21.88 -6.54 12.17
N LEU B 80 21.90 -7.79 11.68
CA LEU B 80 20.86 -8.34 10.81
C LEU B 80 20.33 -9.64 11.40
N VAL B 81 19.08 -9.98 11.06
CA VAL B 81 18.46 -11.20 11.54
C VAL B 81 18.49 -12.24 10.43
N TYR B 82 18.89 -13.46 10.78
CA TYR B 82 18.97 -14.56 9.84
C TYR B 82 17.91 -15.60 10.10
N GLU B 83 17.10 -15.83 9.07
CA GLU B 83 16.01 -16.79 9.16
C GLU B 83 16.54 -18.19 9.41
N GLY B 84 16.06 -18.81 10.47
CA GLY B 84 16.45 -20.17 10.78
C GLY B 84 15.25 -21.01 10.44
N ARG B 85 14.66 -21.63 11.45
CA ARG B 85 13.47 -22.47 11.24
C ARG B 85 12.23 -21.62 11.08
N GLY B 86 12.33 -20.34 11.47
CA GLY B 86 11.21 -19.43 11.31
C GLY B 86 10.16 -19.34 12.41
N TRP B 87 9.10 -18.60 12.12
CA TRP B 87 8.00 -18.39 13.07
C TRP B 87 7.11 -19.61 13.19
N ASN B 88 7.10 -20.44 12.17
CA ASN B 88 6.20 -21.57 12.16
C ASN B 88 6.67 -22.98 12.48
N ILE B 89 7.97 -23.24 12.40
CA ILE B 89 8.44 -24.58 12.69
C ILE B 89 9.09 -24.69 14.05
N LYS B 90 8.64 -25.67 14.83
CA LYS B 90 9.19 -25.87 16.14
C LYS B 90 10.70 -25.93 16.06
N GLY B 91 11.38 -25.17 16.92
CA GLY B 91 12.84 -25.21 16.91
C GLY B 91 13.35 -26.21 17.92
N ALA B 92 14.65 -26.48 17.91
CA ALA B 92 15.28 -27.42 18.85
C ALA B 92 16.36 -26.59 19.50
N HIS B 93 16.03 -25.96 20.61
CA HIS B 93 17.00 -25.06 21.26
C HIS B 93 16.98 -24.94 22.77
N ALA B 94 15.88 -25.34 23.40
CA ALA B 94 15.77 -25.18 24.84
C ALA B 94 15.24 -26.41 25.57
N GLY B 95 15.30 -27.55 24.91
CA GLY B 95 14.80 -28.77 25.55
C GLY B 95 13.35 -29.09 25.19
N PRO B 96 12.92 -30.34 25.46
CA PRO B 96 11.57 -30.88 25.21
C PRO B 96 10.42 -30.20 25.95
N THR B 97 10.69 -29.56 27.08
CA THR B 97 9.61 -28.88 27.78
C THR B 97 9.44 -27.48 27.16
N TRP B 98 10.49 -26.92 26.57
CA TRP B 98 10.39 -25.58 26.00
C TRP B 98 10.36 -25.39 24.46
N ASN B 99 10.85 -26.36 23.70
CA ASN B 99 10.85 -26.20 22.25
C ASN B 99 9.48 -25.98 21.59
N PRO B 100 8.42 -26.63 22.09
CA PRO B 100 7.14 -26.38 21.41
C PRO B 100 6.35 -25.13 21.84
N ILE B 101 6.79 -24.46 22.90
CA ILE B 101 6.05 -23.28 23.37
C ILE B 101 6.81 -21.95 23.29
N SER B 102 7.97 -21.96 22.65
CA SER B 102 8.79 -20.76 22.56
C SER B 102 9.39 -20.51 21.19
N ILE B 103 10.07 -19.38 21.10
CA ILE B 103 10.79 -18.97 19.91
C ILE B 103 12.22 -18.92 20.38
N GLY B 104 13.12 -19.49 19.61
CA GLY B 104 14.50 -19.45 20.03
C GLY B 104 15.30 -18.49 19.15
N ILE B 105 15.89 -17.46 19.75
CA ILE B 105 16.74 -16.56 18.97
C ILE B 105 18.13 -16.69 19.54
N SER B 106 19.09 -16.72 18.64
CA SER B 106 20.45 -16.90 19.07
C SER B 106 21.36 -15.83 18.51
N PHE B 107 22.19 -15.31 19.40
CA PHE B 107 23.16 -14.30 19.02
C PHE B 107 24.40 -15.10 18.67
N MET B 108 24.91 -14.84 17.47
CA MET B 108 26.08 -15.52 16.97
C MET B 108 27.36 -15.04 17.61
N GLY B 109 27.96 -15.93 18.38
CA GLY B 109 29.17 -15.58 19.06
C GLY B 109 29.11 -16.01 20.51
N ASN B 110 30.15 -15.66 21.24
CA ASN B 110 30.29 -16.00 22.64
C ASN B 110 30.25 -14.72 23.44
N TYR B 111 29.18 -14.51 24.18
CA TYR B 111 29.04 -13.31 24.96
C TYR B 111 29.30 -13.50 26.46
N MET B 112 30.23 -14.38 26.80
CA MET B 112 30.56 -14.62 28.19
C MET B 112 31.20 -13.33 28.69
N ASN B 113 32.29 -12.88 28.08
CA ASN B 113 32.87 -11.59 28.48
C ASN B 113 33.07 -10.66 27.28
N ARG B 114 32.02 -10.61 26.46
CA ARG B 114 31.92 -9.75 25.26
C ARG B 114 30.47 -9.29 25.24
N VAL B 115 30.21 -8.07 24.80
CA VAL B 115 28.83 -7.59 24.75
C VAL B 115 28.46 -7.34 23.27
N PRO B 116 27.23 -7.69 22.85
CA PRO B 116 26.90 -7.46 21.45
C PRO B 116 26.67 -5.98 21.18
N PRO B 117 26.97 -5.53 19.95
CA PRO B 117 26.76 -4.12 19.62
C PRO B 117 25.30 -3.73 19.69
N PRO B 118 25.00 -2.45 19.94
CA PRO B 118 23.62 -2.00 20.01
C PRO B 118 22.84 -2.37 18.74
N ARG B 119 23.49 -2.38 17.58
CA ARG B 119 22.78 -2.71 16.35
C ARG B 119 22.27 -4.15 16.34
N ALA B 120 22.91 -5.04 17.09
CA ALA B 120 22.42 -6.41 17.16
C ALA B 120 21.28 -6.44 18.19
N LEU B 121 21.41 -5.67 19.28
CA LEU B 121 20.33 -5.66 20.26
C LEU B 121 19.10 -5.02 19.64
N ARG B 122 19.33 -4.05 18.77
CA ARG B 122 18.27 -3.34 18.07
C ARG B 122 17.53 -4.32 17.13
N ALA B 123 18.28 -5.10 16.36
CA ALA B 123 17.70 -6.07 15.44
C ALA B 123 16.78 -7.12 16.09
N ALA B 124 17.16 -7.56 17.29
CA ALA B 124 16.38 -8.55 18.03
C ALA B 124 15.06 -7.99 18.53
N GLN B 125 15.11 -6.81 19.15
CA GLN B 125 13.90 -6.15 19.67
C GLN B 125 12.98 -5.85 18.49
N ASN B 126 13.58 -5.50 17.35
CA ASN B 126 12.80 -5.22 16.15
C ASN B 126 12.24 -6.51 15.56
N LEU B 127 12.96 -7.64 15.72
CA LEU B 127 12.46 -8.92 15.20
C LEU B 127 11.27 -9.30 16.06
N LEU B 128 11.38 -9.05 17.37
CA LEU B 128 10.33 -9.36 18.32
C LEU B 128 9.06 -8.52 18.08
N ALA B 129 9.24 -7.27 17.64
CA ALA B 129 8.09 -6.41 17.37
C ALA B 129 7.37 -6.98 16.14
N CYS B 130 8.16 -7.43 15.17
CA CYS B 130 7.60 -8.02 13.96
C CYS B 130 6.84 -9.29 14.38
N GLY B 131 7.34 -9.97 15.40
CA GLY B 131 6.68 -11.19 15.87
C GLY B 131 5.24 -10.91 16.21
N VAL B 132 5.01 -9.97 17.12
CA VAL B 132 3.68 -9.57 17.55
C VAL B 132 2.83 -9.17 16.35
N ALA B 133 3.33 -8.17 15.62
CA ALA B 133 2.63 -7.64 14.45
C ALA B 133 2.11 -8.74 13.56
N LEU B 134 2.89 -9.80 13.44
CA LEU B 134 2.55 -10.92 12.58
C LEU B 134 1.46 -11.85 13.10
N GLY B 135 1.45 -12.08 14.41
CA GLY B 135 0.46 -12.96 15.01
C GLY B 135 1.15 -14.20 15.55
N ALA B 136 2.41 -14.37 15.19
CA ALA B 136 3.23 -15.49 15.63
C ALA B 136 3.52 -15.39 17.13
N LEU B 137 3.65 -14.16 17.61
CA LEU B 137 3.90 -13.91 19.03
C LEU B 137 2.70 -13.28 19.72
N ARG B 138 2.45 -13.70 20.95
CA ARG B 138 1.35 -13.13 21.70
C ARG B 138 1.88 -11.76 22.12
N SER B 139 1.00 -10.76 22.11
CA SER B 139 1.33 -9.37 22.46
C SER B 139 2.02 -9.23 23.82
N ASN B 140 1.53 -10.01 24.78
CA ASN B 140 2.12 -10.04 26.10
C ASN B 140 2.94 -11.32 25.97
N TYR B 141 4.19 -11.17 25.55
CA TYR B 141 5.07 -12.31 25.39
C TYR B 141 6.16 -12.12 26.42
N GLU B 142 6.68 -13.23 26.95
CA GLU B 142 7.72 -13.14 27.96
C GLU B 142 9.03 -13.67 27.44
N VAL B 143 10.10 -12.98 27.80
CA VAL B 143 11.43 -13.35 27.38
C VAL B 143 12.21 -13.99 28.51
N LYS B 144 12.71 -15.21 28.26
CA LYS B 144 13.50 -15.95 29.24
C LYS B 144 14.89 -16.08 28.64
N GLY B 145 15.89 -16.27 29.50
CA GLY B 145 17.25 -16.44 29.03
C GLY B 145 17.54 -17.93 29.09
N HIS B 146 18.21 -18.46 28.08
CA HIS B 146 18.52 -19.90 28.02
C HIS B 146 18.77 -20.54 29.38
N ARG B 147 19.66 -19.92 30.16
CA ARG B 147 20.00 -20.43 31.47
C ARG B 147 18.86 -20.46 32.51
N ASP B 148 17.77 -19.74 32.28
CA ASP B 148 16.67 -19.80 33.25
C ASP B 148 15.85 -21.04 32.94
N VAL B 149 16.16 -21.64 31.81
CA VAL B 149 15.41 -22.77 31.30
C VAL B 149 16.13 -24.13 31.19
N GLN B 150 17.45 -24.09 30.99
CA GLN B 150 18.28 -25.28 30.91
C GLN B 150 19.56 -24.99 31.68
N PRO B 151 20.25 -26.02 32.13
CA PRO B 151 21.48 -25.69 32.86
C PRO B 151 22.51 -25.38 31.78
N THR B 152 22.98 -24.14 31.74
CA THR B 152 23.95 -23.76 30.72
C THR B 152 24.42 -22.33 30.90
N LEU B 153 25.57 -21.99 30.31
CA LEU B 153 26.09 -20.63 30.43
C LEU B 153 25.45 -19.72 29.36
N SER B 154 24.94 -20.31 28.28
CA SER B 154 24.26 -19.53 27.24
C SER B 154 23.15 -18.74 27.92
N PRO B 155 22.91 -17.48 27.50
CA PRO B 155 23.55 -16.69 26.44
C PRO B 155 24.82 -15.92 26.75
N GLY B 156 25.58 -16.35 27.75
CA GLY B 156 26.80 -15.65 28.11
C GLY B 156 26.47 -14.67 29.22
N ASP B 157 27.40 -14.46 30.15
CA ASP B 157 27.16 -13.55 31.27
C ASP B 157 26.82 -12.12 30.85
N ARG B 158 27.69 -11.55 30.04
CA ARG B 158 27.50 -10.19 29.60
C ARG B 158 26.25 -10.01 28.74
N LEU B 159 25.89 -10.99 27.90
CA LEU B 159 24.67 -10.83 27.11
C LEU B 159 23.49 -10.94 28.07
N TYR B 160 23.60 -11.87 29.02
CA TYR B 160 22.55 -12.11 30.01
C TYR B 160 22.15 -10.89 30.87
N GLU B 161 23.11 -10.05 31.24
CA GLU B 161 22.82 -8.85 32.04
C GLU B 161 21.81 -7.93 31.35
N ILE B 162 22.05 -7.70 30.05
CA ILE B 162 21.21 -6.84 29.22
C ILE B 162 19.75 -7.27 29.17
N ILE B 163 19.50 -8.52 28.82
CA ILE B 163 18.13 -8.99 28.66
C ILE B 163 17.23 -8.91 29.89
N GLN B 164 17.82 -8.57 31.03
CA GLN B 164 17.07 -8.41 32.25
C GLN B 164 16.55 -6.97 32.22
N THR B 165 17.28 -6.12 31.50
CA THR B 165 16.91 -4.71 31.34
C THR B 165 15.60 -4.68 30.55
N TRP B 166 15.40 -5.70 29.72
CA TRP B 166 14.22 -5.76 28.85
C TRP B 166 12.81 -5.75 29.42
N SER B 167 12.01 -4.90 28.80
CA SER B 167 10.61 -4.67 29.11
C SER B 167 9.88 -5.98 29.38
N HIS B 168 9.99 -6.91 28.44
CA HIS B 168 9.30 -8.19 28.53
C HIS B 168 9.97 -9.36 29.29
N TYR B 169 11.14 -9.14 29.89
CA TYR B 169 11.80 -10.22 30.60
C TYR B 169 11.15 -10.62 31.92
N ARG B 170 10.77 -11.89 32.04
CA ARG B 170 10.13 -12.40 33.25
C ARG B 170 11.00 -13.43 34.01
N ALA B 171 10.66 -13.64 35.29
CA ALA B 171 11.37 -14.55 36.20
C ALA B 171 12.88 -14.33 36.19
N GLU C 1 -3.24 38.00 -27.98
CA GLU C 1 -2.86 39.33 -27.44
C GLU C 1 -3.54 39.56 -26.10
N ASP C 2 -4.84 39.86 -26.15
CA ASP C 2 -5.59 40.07 -24.93
C ASP C 2 -6.50 38.85 -24.69
N PRO C 3 -7.18 38.81 -23.54
CA PRO C 3 -8.07 37.79 -23.01
C PRO C 3 -9.37 37.24 -23.64
N PRO C 4 -9.69 35.98 -23.32
CA PRO C 4 -10.89 35.26 -23.77
C PRO C 4 -11.98 35.33 -22.66
N ALA C 5 -13.18 34.85 -22.97
CA ALA C 5 -14.34 34.88 -22.07
C ALA C 5 -14.43 33.62 -21.24
N CYS C 6 -13.51 33.50 -20.30
CA CYS C 6 -13.50 32.30 -19.57
C CYS C 6 -14.11 32.30 -18.16
N GLY C 7 -13.51 33.13 -17.31
CA GLY C 7 -13.86 33.26 -15.91
C GLY C 7 -15.20 33.46 -15.21
N SER C 8 -16.18 32.58 -15.44
CA SER C 8 -17.43 32.66 -14.71
C SER C 8 -17.21 31.58 -13.64
N ILE C 9 -15.94 31.20 -13.51
CA ILE C 9 -15.51 30.17 -12.58
C ILE C 9 -15.36 30.67 -11.14
N VAL C 10 -15.94 29.94 -10.19
CA VAL C 10 -15.79 30.31 -8.78
C VAL C 10 -14.47 29.69 -8.34
N PRO C 11 -13.48 30.52 -7.98
CA PRO C 11 -12.19 29.94 -7.55
C PRO C 11 -12.20 29.20 -6.21
N ARG C 12 -11.30 28.23 -6.09
CA ARG C 12 -11.13 27.43 -4.88
C ARG C 12 -11.28 28.27 -3.61
N ARG C 13 -10.47 29.32 -3.53
CA ARG C 13 -10.46 30.21 -2.37
C ARG C 13 -11.85 30.79 -2.05
N GLU C 14 -12.73 30.88 -3.04
CA GLU C 14 -14.08 31.41 -2.83
C GLU C 14 -15.04 30.36 -2.24
N TRP C 15 -14.84 29.07 -2.50
CA TRP C 15 -15.77 28.10 -1.88
C TRP C 15 -15.15 27.41 -0.68
N ARG C 16 -14.08 28.01 -0.15
CA ARG C 16 -13.38 27.51 1.03
C ARG C 16 -12.69 26.18 0.84
N ALA C 17 -12.07 25.95 -0.31
CA ALA C 17 -11.39 24.68 -0.54
C ALA C 17 -10.18 24.47 0.37
N LEU C 18 -9.97 23.20 0.73
CA LEU C 18 -8.82 22.83 1.53
C LEU C 18 -7.70 22.88 0.52
N ALA C 19 -6.48 23.11 1.00
CA ALA C 19 -5.33 23.16 0.10
C ALA C 19 -5.16 21.82 -0.59
N SER C 20 -4.84 21.87 -1.87
CA SER C 20 -4.61 20.69 -2.67
C SER C 20 -3.20 20.14 -2.45
N GLU C 21 -3.03 18.83 -2.66
CA GLU C 21 -1.72 18.20 -2.51
C GLU C 21 -1.27 17.52 -3.80
N CYS C 22 -2.10 17.63 -4.85
CA CYS C 22 -1.77 17.00 -6.12
C CYS C 22 -0.73 17.80 -6.89
N ARG C 23 0.11 17.09 -7.63
CA ARG C 23 1.19 17.71 -8.38
C ARG C 23 1.34 17.25 -9.82
N GLU C 24 0.73 16.12 -10.18
CA GLU C 24 0.82 15.58 -11.54
C GLU C 24 0.10 16.44 -12.57
N ARG C 25 0.84 16.98 -13.52
CA ARG C 25 0.25 17.84 -14.54
C ARG C 25 -0.37 17.12 -15.73
N LEU C 26 -1.32 17.80 -16.35
CA LEU C 26 -1.96 17.30 -17.54
C LEU C 26 -1.17 17.94 -18.65
N THR C 27 -1.06 17.24 -19.77
CA THR C 27 -0.34 17.76 -20.92
C THR C 27 -1.40 18.44 -21.76
N ARG C 28 -1.29 19.75 -21.96
CA ARG C 28 -2.30 20.41 -22.79
C ARG C 28 -1.78 20.66 -24.21
N PRO C 29 -2.66 20.72 -25.21
CA PRO C 29 -4.12 20.61 -25.20
C PRO C 29 -4.67 19.21 -24.89
N VAL C 30 -5.72 19.17 -24.10
CA VAL C 30 -6.34 17.91 -23.74
C VAL C 30 -7.41 17.54 -24.75
N ARG C 31 -7.46 16.27 -25.09
CA ARG C 31 -8.39 15.80 -26.10
C ARG C 31 -9.76 15.34 -25.62
N TYR C 32 -9.86 14.94 -24.37
CA TYR C 32 -11.10 14.41 -23.85
C TYR C 32 -11.71 15.08 -22.62
N VAL C 33 -13.03 15.02 -22.55
CA VAL C 33 -13.79 15.55 -21.43
C VAL C 33 -14.70 14.41 -20.99
N VAL C 34 -14.68 14.07 -19.70
CA VAL C 34 -15.53 13.00 -19.21
C VAL C 34 -16.54 13.56 -18.22
N VAL C 35 -17.82 13.44 -18.57
CA VAL C 35 -18.94 13.95 -17.76
C VAL C 35 -19.45 12.94 -16.75
N SER C 36 -19.60 13.39 -15.51
CA SER C 36 -20.08 12.54 -14.43
C SER C 36 -21.00 13.35 -13.54
N HIS C 37 -21.57 12.71 -12.52
CA HIS C 37 -22.39 13.41 -11.53
C HIS C 37 -21.89 12.92 -10.18
N THR C 38 -22.05 13.73 -9.15
CA THR C 38 -21.58 13.33 -7.82
C THR C 38 -22.44 12.24 -7.20
N ALA C 39 -23.65 12.06 -7.75
CA ALA C 39 -24.63 11.07 -7.25
C ALA C 39 -25.10 11.50 -5.87
N GLY C 40 -24.68 12.71 -5.46
CA GLY C 40 -25.04 13.22 -4.15
C GLY C 40 -26.24 14.16 -4.24
N SER C 41 -26.31 15.10 -3.32
CA SER C 41 -27.43 16.04 -3.34
C SER C 41 -27.12 17.22 -4.24
N HIS C 42 -28.14 17.94 -4.64
CA HIS C 42 -27.96 19.11 -5.45
C HIS C 42 -27.92 20.38 -4.64
N CYS C 43 -27.78 21.52 -5.30
CA CYS C 43 -27.77 22.83 -4.65
C CYS C 43 -28.07 23.87 -5.73
N ASP C 44 -28.97 24.80 -5.43
CA ASP C 44 -29.34 25.81 -6.42
C ASP C 44 -29.00 27.23 -6.03
N THR C 45 -28.02 27.40 -5.15
CA THR C 45 -27.62 28.73 -4.73
C THR C 45 -26.12 28.75 -4.55
N PRO C 46 -25.52 29.93 -4.73
CA PRO C 46 -24.08 30.03 -4.58
C PRO C 46 -23.75 29.70 -3.13
N ALA C 47 -24.74 29.87 -2.26
CA ALA C 47 -24.53 29.62 -0.83
C ALA C 47 -24.44 28.14 -0.52
N SER C 48 -25.49 27.41 -0.89
CA SER C 48 -25.52 26.00 -0.66
C SER C 48 -24.51 25.29 -1.57
N CYS C 49 -24.33 25.75 -2.81
CA CYS C 49 -23.36 25.11 -3.68
C CYS C 49 -21.93 25.23 -3.15
N ALA C 50 -21.54 26.39 -2.62
CA ALA C 50 -20.16 26.47 -2.10
C ALA C 50 -20.00 25.36 -1.02
N GLN C 51 -21.11 25.07 -0.36
CA GLN C 51 -21.25 24.06 0.69
C GLN C 51 -21.09 22.67 0.08
N GLN C 52 -21.91 22.43 -0.93
CA GLN C 52 -21.87 21.15 -1.61
C GLN C 52 -20.44 20.86 -2.07
N ALA C 53 -19.83 21.82 -2.74
CA ALA C 53 -18.47 21.66 -3.23
C ALA C 53 -17.56 21.26 -2.10
N GLN C 54 -17.72 21.89 -0.93
CA GLN C 54 -16.90 21.58 0.24
C GLN C 54 -17.10 20.13 0.71
N ASN C 55 -18.35 19.68 0.77
CA ASN C 55 -18.66 18.32 1.20
C ASN C 55 -18.07 17.25 0.26
N VAL C 56 -18.25 17.38 -1.06
CA VAL C 56 -17.66 16.37 -1.91
C VAL C 56 -16.13 16.46 -1.88
N GLN C 57 -15.56 17.60 -1.49
CA GLN C 57 -14.09 17.65 -1.41
C GLN C 57 -13.67 16.94 -0.12
N SER C 58 -14.46 17.17 0.92
CA SER C 58 -14.23 16.58 2.23
C SER C 58 -14.23 15.04 2.16
N TYR C 59 -15.10 14.50 1.32
CA TYR C 59 -15.23 13.06 1.15
C TYR C 59 -13.96 12.55 0.48
N HIS C 60 -13.63 13.14 -0.66
CA HIS C 60 -12.44 12.75 -1.41
C HIS C 60 -11.15 12.92 -0.62
N VAL C 61 -11.04 14.02 0.13
CA VAL C 61 -9.81 14.26 0.88
C VAL C 61 -9.75 13.58 2.24
N ARG C 62 -10.81 13.70 3.04
CA ARG C 62 -10.81 13.08 4.37
C ARG C 62 -11.06 11.59 4.42
N ASN C 63 -12.19 11.14 3.86
CA ASN C 63 -12.49 9.72 3.90
C ASN C 63 -11.61 8.87 2.99
N LEU C 64 -11.43 9.31 1.76
CA LEU C 64 -10.64 8.55 0.80
C LEU C 64 -9.14 8.82 0.82
N GLY C 65 -8.70 9.80 1.60
CA GLY C 65 -7.28 10.09 1.66
C GLY C 65 -6.68 10.49 0.33
N TRP C 66 -7.39 11.30 -0.44
CA TRP C 66 -6.91 11.78 -1.74
C TRP C 66 -6.29 13.17 -1.66
N CYS C 67 -5.35 13.45 -2.56
CA CYS C 67 -4.67 14.75 -2.56
C CYS C 67 -5.64 15.92 -2.70
N ASP C 68 -6.75 15.70 -3.39
CA ASP C 68 -7.74 16.76 -3.61
C ASP C 68 -9.04 16.18 -4.15
N VAL C 69 -10.02 17.05 -4.35
CA VAL C 69 -11.28 16.58 -4.90
C VAL C 69 -10.84 15.96 -6.24
N GLY C 70 -11.49 14.87 -6.63
CA GLY C 70 -11.11 14.17 -7.85
C GLY C 70 -11.42 14.77 -9.21
N TYR C 71 -12.37 15.69 -9.27
CA TYR C 71 -12.74 16.31 -10.53
C TYR C 71 -12.02 17.60 -10.79
N ASN C 72 -11.87 17.93 -12.07
CA ASN C 72 -11.22 19.15 -12.48
C ASN C 72 -12.15 20.33 -12.25
N PHE C 73 -13.43 20.15 -12.51
CA PHE C 73 -14.39 21.23 -12.28
C PHE C 73 -15.70 20.59 -11.81
N LEU C 74 -16.50 21.33 -11.02
CA LEU C 74 -17.80 20.85 -10.54
C LEU C 74 -18.83 21.88 -10.97
N ILE C 75 -19.95 21.42 -11.52
CA ILE C 75 -21.01 22.30 -12.02
C ILE C 75 -22.21 22.38 -11.10
N GLY C 76 -22.65 23.60 -10.80
CA GLY C 76 -23.78 23.80 -9.91
C GLY C 76 -25.15 23.94 -10.55
N GLU C 77 -26.16 23.66 -9.74
CA GLU C 77 -27.55 23.76 -10.16
C GLU C 77 -27.88 25.26 -10.08
N ASP C 78 -26.92 26.03 -9.57
CA ASP C 78 -27.05 27.48 -9.41
C ASP C 78 -26.52 28.20 -10.65
N GLY C 79 -26.06 27.44 -11.64
CA GLY C 79 -25.55 28.03 -12.87
C GLY C 79 -24.09 28.48 -12.86
N LEU C 80 -23.37 28.13 -11.80
CA LEU C 80 -21.97 28.50 -11.67
C LEU C 80 -21.02 27.32 -11.75
N VAL C 81 -19.81 27.57 -12.21
CA VAL C 81 -18.80 26.54 -12.31
C VAL C 81 -17.85 26.66 -11.13
N TYR C 82 -17.52 25.54 -10.51
CA TYR C 82 -16.62 25.56 -9.38
C TYR C 82 -15.32 24.88 -9.76
N GLU C 83 -14.24 25.57 -9.47
CA GLU C 83 -12.91 25.08 -9.76
C GLU C 83 -12.58 23.89 -8.86
N GLY C 84 -12.00 22.85 -9.46
CA GLY C 84 -11.60 21.67 -8.70
C GLY C 84 -10.10 21.63 -8.88
N ARG C 85 -9.61 20.67 -9.64
CA ARG C 85 -8.16 20.57 -9.86
C ARG C 85 -7.75 21.50 -10.98
N GLY C 86 -8.74 22.06 -11.66
CA GLY C 86 -8.48 22.98 -12.75
C GLY C 86 -7.99 22.33 -14.03
N TRP C 87 -7.55 23.18 -14.96
CA TRP C 87 -7.05 22.79 -16.28
C TRP C 87 -5.70 22.07 -16.41
N ASN C 88 -4.78 22.33 -15.50
CA ASN C 88 -3.43 21.77 -15.59
C ASN C 88 -3.10 20.56 -14.71
N ILE C 89 -3.93 20.26 -13.73
CA ILE C 89 -3.63 19.13 -12.87
C ILE C 89 -4.48 17.89 -13.16
N LYS C 90 -3.82 16.76 -13.33
CA LYS C 90 -4.49 15.51 -13.47
C LYS C 90 -5.51 15.21 -12.38
N GLY C 91 -6.71 14.88 -12.79
CA GLY C 91 -7.74 14.60 -11.80
C GLY C 91 -7.73 13.11 -11.47
N ALA C 92 -8.68 12.68 -10.65
CA ALA C 92 -8.85 11.29 -10.22
C ALA C 92 -10.36 11.13 -10.35
N HIS C 93 -10.80 10.85 -11.56
CA HIS C 93 -12.22 10.76 -11.82
C HIS C 93 -12.68 9.63 -12.74
N ALA C 94 -11.81 9.14 -13.60
CA ALA C 94 -12.21 8.07 -14.53
C ALA C 94 -11.24 6.90 -14.67
N GLY C 95 -10.33 6.74 -13.73
CA GLY C 95 -9.42 5.60 -13.84
C GLY C 95 -8.07 5.91 -14.43
N PRO C 96 -7.10 4.99 -14.27
CA PRO C 96 -5.74 5.18 -14.78
C PRO C 96 -5.55 5.36 -16.28
N THR C 97 -6.46 4.86 -17.10
CA THR C 97 -6.32 4.99 -18.53
C THR C 97 -6.74 6.37 -19.01
N TRP C 98 -7.86 6.84 -18.47
CA TRP C 98 -8.42 8.11 -18.87
C TRP C 98 -8.02 9.36 -18.12
N ASN C 99 -7.64 9.22 -16.85
CA ASN C 99 -7.28 10.40 -16.10
C ASN C 99 -6.16 11.20 -16.74
N PRO C 100 -5.07 10.55 -17.18
CA PRO C 100 -4.00 11.35 -17.79
C PRO C 100 -4.28 12.06 -19.12
N ILE C 101 -5.34 11.66 -19.81
CA ILE C 101 -5.64 12.27 -21.10
C ILE C 101 -6.96 13.02 -21.18
N SER C 102 -7.53 13.34 -20.02
CA SER C 102 -8.82 14.02 -20.02
C SER C 102 -9.03 14.97 -18.86
N ILE C 103 -10.14 15.71 -18.96
CA ILE C 103 -10.59 16.64 -17.94
C ILE C 103 -11.89 16.03 -17.46
N GLY C 104 -12.09 15.99 -16.16
CA GLY C 104 -13.32 15.41 -15.65
C GLY C 104 -14.21 16.47 -15.03
N ILE C 105 -15.33 16.77 -15.67
CA ILE C 105 -16.27 17.73 -15.10
C ILE C 105 -17.43 16.94 -14.51
N SER C 106 -17.88 17.36 -13.34
CA SER C 106 -18.94 16.67 -12.63
C SER C 106 -20.09 17.57 -12.18
N PHE C 107 -21.32 17.18 -12.52
CA PHE C 107 -22.50 17.91 -12.12
C PHE C 107 -22.84 17.49 -10.69
N MET C 108 -22.92 18.45 -9.78
CA MET C 108 -23.24 18.17 -8.38
C MET C 108 -24.70 17.78 -8.15
N GLY C 109 -24.92 16.48 -7.94
CA GLY C 109 -26.24 15.95 -7.71
C GLY C 109 -26.37 14.56 -8.31
N ASN C 110 -27.60 14.04 -8.32
CA ASN C 110 -27.91 12.70 -8.85
C ASN C 110 -28.93 12.85 -9.99
N TYR C 111 -28.47 12.62 -11.22
CA TYR C 111 -29.31 12.79 -12.38
C TYR C 111 -29.86 11.54 -13.01
N MET C 112 -30.15 10.58 -12.14
CA MET C 112 -30.72 9.35 -12.60
C MET C 112 -32.19 9.64 -12.94
N ASN C 113 -32.87 10.44 -12.10
CA ASN C 113 -34.30 10.79 -12.32
C ASN C 113 -34.59 12.29 -12.17
N ARG C 114 -33.75 13.10 -12.79
CA ARG C 114 -33.88 14.55 -12.76
C ARG C 114 -33.05 15.02 -13.92
N VAL C 115 -33.39 16.17 -14.46
CA VAL C 115 -32.55 16.72 -15.50
C VAL C 115 -31.98 17.93 -14.79
N PRO C 116 -30.77 18.35 -15.16
CA PRO C 116 -30.23 19.52 -14.47
C PRO C 116 -30.83 20.68 -15.24
N PRO C 117 -31.09 21.81 -14.56
CA PRO C 117 -31.67 22.96 -15.26
C PRO C 117 -30.79 23.48 -16.38
N PRO C 118 -31.39 24.20 -17.34
CA PRO C 118 -30.65 24.76 -18.48
C PRO C 118 -29.38 25.51 -18.08
N ARG C 119 -29.46 26.28 -17.01
CA ARG C 119 -28.33 27.08 -16.56
C ARG C 119 -27.14 26.22 -16.09
N ALA C 120 -27.39 24.97 -15.72
CA ALA C 120 -26.29 24.12 -15.30
C ALA C 120 -25.67 23.63 -16.60
N LEU C 121 -26.54 23.26 -17.54
CA LEU C 121 -26.12 22.81 -18.86
C LEU C 121 -25.35 23.91 -19.57
N ARG C 122 -25.83 25.14 -19.41
CA ARG C 122 -25.22 26.28 -20.05
C ARG C 122 -23.83 26.52 -19.45
N ALA C 123 -23.76 26.46 -18.12
CA ALA C 123 -22.51 26.65 -17.42
C ALA C 123 -21.46 25.69 -18.01
N ALA C 124 -21.81 24.42 -18.09
CA ALA C 124 -20.91 23.38 -18.60
C ALA C 124 -20.41 23.61 -20.03
N GLN C 125 -21.30 23.99 -20.94
CA GLN C 125 -20.87 24.20 -22.30
C GLN C 125 -19.97 25.41 -22.47
N ASN C 126 -20.28 26.47 -21.74
CA ASN C 126 -19.49 27.69 -21.79
C ASN C 126 -18.12 27.40 -21.16
N LEU C 127 -18.09 26.43 -20.24
CA LEU C 127 -16.83 26.04 -19.59
C LEU C 127 -15.97 25.46 -20.70
N LEU C 128 -16.58 24.59 -21.50
CA LEU C 128 -15.89 23.94 -22.61
C LEU C 128 -15.39 24.92 -23.68
N ALA C 129 -16.23 25.84 -24.14
CA ALA C 129 -15.80 26.80 -25.17
C ALA C 129 -14.53 27.50 -24.67
N CYS C 130 -14.58 27.82 -23.40
CA CYS C 130 -13.51 28.45 -22.67
C CYS C 130 -12.19 27.65 -22.79
N GLY C 131 -12.26 26.39 -22.36
CA GLY C 131 -11.10 25.54 -22.42
C GLY C 131 -10.46 25.63 -23.78
N VAL C 132 -11.28 25.60 -24.83
CA VAL C 132 -10.74 25.71 -26.19
C VAL C 132 -10.03 27.05 -26.38
N ALA C 133 -10.67 28.14 -25.95
CA ALA C 133 -10.08 29.49 -26.09
C ALA C 133 -8.72 29.57 -25.43
N LEU C 134 -8.63 29.14 -24.18
CA LEU C 134 -7.36 29.17 -23.43
C LEU C 134 -6.29 28.26 -24.04
N GLY C 135 -6.71 27.31 -24.88
CA GLY C 135 -5.78 26.39 -25.50
C GLY C 135 -5.64 25.14 -24.66
N ALA C 136 -6.47 25.02 -23.63
CA ALA C 136 -6.42 23.86 -22.72
C ALA C 136 -7.03 22.61 -23.34
N LEU C 137 -7.95 22.82 -24.29
CA LEU C 137 -8.62 21.72 -24.95
C LEU C 137 -8.42 21.79 -26.46
N ARG C 138 -8.36 20.63 -27.09
CA ARG C 138 -8.23 20.60 -28.52
C ARG C 138 -9.55 21.19 -29.00
N SER C 139 -9.54 21.89 -30.14
CA SER C 139 -10.76 22.46 -30.67
C SER C 139 -11.72 21.30 -31.00
N ASN C 140 -11.18 20.15 -31.37
CA ASN C 140 -12.02 18.99 -31.68
C ASN C 140 -12.00 17.95 -30.56
N TYR C 141 -12.23 18.40 -29.34
CA TYR C 141 -12.25 17.51 -28.20
C TYR C 141 -13.49 16.63 -28.29
N GLU C 142 -13.43 15.51 -27.59
CA GLU C 142 -14.52 14.55 -27.54
C GLU C 142 -15.01 14.41 -26.11
N VAL C 143 -16.32 14.32 -25.97
CA VAL C 143 -16.97 14.17 -24.67
C VAL C 143 -17.42 12.72 -24.50
N LYS C 144 -17.08 12.13 -23.36
CA LYS C 144 -17.48 10.75 -23.09
C LYS C 144 -18.23 10.82 -21.77
N GLY C 145 -19.19 9.93 -21.57
CA GLY C 145 -19.91 9.91 -20.31
C GLY C 145 -19.10 9.01 -19.41
N HIS C 146 -19.26 9.20 -18.10
CA HIS C 146 -18.54 8.40 -17.13
C HIS C 146 -18.81 6.90 -17.28
N ARG C 147 -20.03 6.53 -17.70
CA ARG C 147 -20.39 5.13 -17.84
C ARG C 147 -19.84 4.49 -19.11
N ASP C 148 -19.28 5.31 -19.99
CA ASP C 148 -18.72 4.80 -21.23
C ASP C 148 -17.29 4.37 -20.99
N VAL C 149 -16.75 4.86 -19.89
CA VAL C 149 -15.37 4.65 -19.55
C VAL C 149 -15.11 3.75 -18.34
N GLN C 150 -16.10 3.68 -17.46
CA GLN C 150 -16.06 2.90 -16.23
C GLN C 150 -17.46 2.37 -15.94
N PRO C 151 -17.55 1.34 -15.09
CA PRO C 151 -18.88 0.78 -14.76
C PRO C 151 -19.48 1.59 -13.64
N THR C 152 -20.41 2.46 -13.99
CA THR C 152 -21.06 3.32 -13.01
C THR C 152 -22.37 3.75 -13.62
N LEU C 153 -23.26 4.35 -12.81
CA LEU C 153 -24.53 4.83 -13.34
C LEU C 153 -24.27 6.30 -13.73
N SER C 154 -23.15 6.84 -13.23
CA SER C 154 -22.73 8.22 -13.54
C SER C 154 -22.62 8.28 -15.07
N PRO C 155 -23.02 9.40 -15.70
CA PRO C 155 -23.54 10.66 -15.17
C PRO C 155 -25.03 10.72 -14.80
N GLY C 156 -25.72 9.60 -14.86
CA GLY C 156 -27.14 9.63 -14.56
C GLY C 156 -27.86 9.40 -15.87
N ASP C 157 -28.92 8.59 -15.82
CA ASP C 157 -29.70 8.25 -17.03
C ASP C 157 -30.12 9.43 -17.88
N ARG C 158 -30.76 10.43 -17.25
CA ARG C 158 -31.27 11.61 -17.95
C ARG C 158 -30.22 12.56 -18.53
N LEU C 159 -29.18 12.81 -17.75
CA LEU C 159 -28.09 13.67 -18.16
C LEU C 159 -27.26 12.94 -19.19
N TYR C 160 -27.14 11.63 -19.03
CA TYR C 160 -26.39 10.84 -19.99
C TYR C 160 -27.14 11.04 -21.30
N GLU C 161 -28.45 10.86 -21.21
CA GLU C 161 -29.35 11.02 -22.35
C GLU C 161 -29.13 12.39 -23.00
N ILE C 162 -28.94 13.41 -22.16
CA ILE C 162 -28.70 14.78 -22.62
C ILE C 162 -27.35 14.96 -23.32
N ILE C 163 -26.27 14.38 -22.78
CA ILE C 163 -24.95 14.54 -23.40
C ILE C 163 -24.70 13.78 -24.69
N GLN C 164 -25.46 12.74 -24.97
CA GLN C 164 -25.22 11.99 -26.21
C GLN C 164 -25.68 12.80 -27.42
N THR C 165 -26.45 13.85 -27.17
CA THR C 165 -26.94 14.73 -28.24
C THR C 165 -25.92 15.82 -28.56
N TRP C 166 -24.90 15.97 -27.71
CA TRP C 166 -23.89 17.02 -27.93
C TRP C 166 -23.01 16.87 -29.17
N SER C 167 -22.69 18.03 -29.76
CA SER C 167 -21.86 18.11 -30.94
C SER C 167 -20.54 17.35 -30.83
N HIS C 168 -19.86 17.57 -29.72
CA HIS C 168 -18.55 16.97 -29.46
C HIS C 168 -18.53 15.54 -28.90
N TYR C 169 -19.71 14.99 -28.62
CA TYR C 169 -19.81 13.63 -28.09
C TYR C 169 -19.29 12.60 -29.08
N ARG C 170 -18.72 11.52 -28.57
CA ARG C 170 -18.14 10.47 -29.40
C ARG C 170 -18.15 9.08 -28.76
N ALA C 171 -18.69 8.09 -29.51
CA ALA C 171 -18.81 6.68 -29.09
C ALA C 171 -19.32 6.49 -27.66
N GLU D 1 -6.44 -34.71 -1.82
CA GLU D 1 -7.44 -35.25 -0.85
C GLU D 1 -8.75 -34.44 -0.72
N ASP D 2 -9.71 -34.82 -1.56
CA ASP D 2 -11.09 -34.29 -1.63
C ASP D 2 -11.55 -32.83 -1.60
N PRO D 3 -10.99 -32.01 -2.48
CA PRO D 3 -11.35 -30.60 -2.55
C PRO D 3 -12.68 -30.18 -1.94
N PRO D 4 -12.67 -29.42 -0.82
CA PRO D 4 -11.60 -28.80 -0.05
C PRO D 4 -12.12 -28.20 1.26
N ALA D 5 -13.40 -28.45 1.52
CA ALA D 5 -14.16 -27.94 2.64
C ALA D 5 -14.68 -26.60 2.13
N CYS D 6 -14.35 -26.28 0.88
CA CYS D 6 -14.77 -24.99 0.29
C CYS D 6 -16.25 -24.95 -0.11
N GLY D 7 -16.65 -23.96 -0.94
CA GLY D 7 -18.05 -23.80 -1.29
C GLY D 7 -18.59 -24.20 -2.66
N SER D 8 -19.83 -23.77 -2.92
CA SER D 8 -20.54 -24.06 -4.16
C SER D 8 -20.54 -22.86 -5.10
N ILE D 9 -19.62 -22.90 -6.05
CA ILE D 9 -19.43 -21.83 -7.01
C ILE D 9 -19.81 -22.26 -8.44
N VAL D 10 -20.55 -21.40 -9.14
CA VAL D 10 -20.94 -21.68 -10.53
C VAL D 10 -19.78 -21.24 -11.41
N PRO D 11 -19.10 -22.19 -12.06
CA PRO D 11 -17.97 -21.88 -12.94
C PRO D 11 -18.32 -21.11 -14.23
N ARG D 12 -17.32 -20.45 -14.82
CA ARG D 12 -17.47 -19.66 -16.03
C ARG D 12 -18.20 -20.46 -17.11
N ARG D 13 -17.66 -21.61 -17.49
CA ARG D 13 -18.31 -22.45 -18.50
C ARG D 13 -19.81 -22.53 -18.23
N GLU D 14 -20.18 -22.93 -17.02
CA GLU D 14 -21.60 -23.06 -16.69
C GLU D 14 -22.43 -21.79 -16.94
N TRP D 15 -21.89 -20.59 -16.66
CA TRP D 15 -22.70 -19.40 -16.97
C TRP D 15 -22.36 -18.84 -18.35
N ARG D 16 -21.61 -19.61 -19.13
CA ARG D 16 -21.22 -19.21 -20.48
C ARG D 16 -20.51 -17.87 -20.56
N ALA D 17 -19.32 -17.79 -19.98
CA ALA D 17 -18.55 -16.55 -19.99
C ALA D 17 -17.77 -16.51 -21.29
N LEU D 18 -17.23 -15.32 -21.62
CA LEU D 18 -16.40 -15.20 -22.80
C LEU D 18 -15.03 -15.54 -22.23
N ALA D 19 -14.15 -16.10 -23.05
CA ALA D 19 -12.80 -16.44 -22.56
C ALA D 19 -12.10 -15.19 -22.03
N SER D 20 -11.61 -15.27 -20.80
CA SER D 20 -10.90 -14.19 -20.13
C SER D 20 -9.61 -13.96 -20.89
N GLU D 21 -9.13 -12.73 -20.93
CA GLU D 21 -7.87 -12.46 -21.61
C GLU D 21 -6.95 -11.83 -20.61
N CYS D 22 -7.35 -11.94 -19.36
CA CYS D 22 -6.61 -11.40 -18.28
C CYS D 22 -5.37 -12.18 -17.86
N ARG D 23 -4.26 -11.47 -17.79
CA ARG D 23 -2.99 -12.08 -17.46
C ARG D 23 -2.34 -11.72 -16.13
N GLU D 24 -2.67 -10.54 -15.58
CA GLU D 24 -2.10 -10.11 -14.31
C GLU D 24 -2.64 -10.89 -13.12
N ARG D 25 -1.73 -11.25 -12.21
CA ARG D 25 -2.05 -12.06 -11.04
C ARG D 25 -1.94 -11.42 -9.65
N LEU D 26 -2.71 -11.97 -8.72
CA LEU D 26 -2.70 -11.50 -7.35
C LEU D 26 -1.72 -12.33 -6.55
N THR D 27 -1.23 -11.77 -5.47
CA THR D 27 -0.30 -12.46 -4.60
C THR D 27 -1.07 -13.01 -3.38
N ARG D 28 -1.29 -14.32 -3.40
CA ARG D 28 -1.99 -14.99 -2.32
C ARG D 28 -1.01 -15.02 -1.15
N PRO D 29 -1.52 -14.94 0.09
CA PRO D 29 -2.92 -14.79 0.48
C PRO D 29 -3.28 -13.32 0.37
N VAL D 30 -4.51 -13.06 -0.01
CA VAL D 30 -4.99 -11.70 -0.17
C VAL D 30 -5.49 -11.17 1.18
N ARG D 31 -5.18 -9.91 1.46
CA ARG D 31 -5.54 -9.29 2.73
C ARG D 31 -6.85 -8.54 2.75
N TYR D 32 -7.23 -8.01 1.59
CA TYR D 32 -8.42 -7.21 1.48
C TYR D 32 -9.59 -7.69 0.63
N VAL D 33 -10.79 -7.28 1.03
CA VAL D 33 -12.00 -7.63 0.30
C VAL D 33 -12.85 -6.36 0.21
N VAL D 34 -13.30 -6.04 -0.99
CA VAL D 34 -14.14 -4.86 -1.21
C VAL D 34 -15.53 -5.27 -1.69
N VAL D 35 -16.55 -4.94 -0.92
CA VAL D 35 -17.90 -5.29 -1.29
C VAL D 35 -18.53 -4.17 -2.10
N SER D 36 -19.06 -4.53 -3.26
CA SER D 36 -19.69 -3.57 -4.16
C SER D 36 -21.03 -4.13 -4.58
N HIS D 37 -21.81 -3.34 -5.29
CA HIS D 37 -23.05 -3.88 -5.86
C HIS D 37 -22.96 -3.47 -7.33
N THR D 38 -23.64 -4.21 -8.21
CA THR D 38 -23.61 -3.90 -9.63
C THR D 38 -24.45 -2.67 -9.99
N ALA D 39 -25.32 -2.27 -9.09
CA ALA D 39 -26.17 -1.12 -9.35
C ALA D 39 -27.24 -1.41 -10.42
N GLY D 40 -27.25 -2.64 -10.92
CA GLY D 40 -28.22 -3.05 -11.92
C GLY D 40 -29.42 -3.71 -11.25
N SER D 41 -30.15 -4.54 -11.99
CA SER D 41 -31.32 -5.23 -11.45
C SER D 41 -30.88 -6.53 -10.83
N HIS D 42 -31.75 -7.10 -10.00
CA HIS D 42 -31.40 -8.37 -9.37
C HIS D 42 -31.86 -9.56 -10.15
N CYS D 43 -31.52 -10.73 -9.63
CA CYS D 43 -31.88 -11.98 -10.28
C CYS D 43 -32.04 -12.97 -9.18
N ASP D 44 -33.07 -13.78 -9.31
CA ASP D 44 -33.33 -14.69 -8.26
C ASP D 44 -33.54 -16.17 -8.59
N THR D 45 -33.00 -16.63 -9.71
CA THR D 45 -33.11 -18.01 -10.09
C THR D 45 -31.83 -18.35 -10.79
N PRO D 46 -31.36 -19.60 -10.66
CA PRO D 46 -30.11 -19.90 -11.36
C PRO D 46 -30.21 -19.49 -12.82
N ALA D 47 -31.40 -19.60 -13.40
CA ALA D 47 -31.63 -19.26 -14.80
C ALA D 47 -31.32 -17.80 -15.13
N SER D 48 -31.89 -16.90 -14.33
CA SER D 48 -31.71 -15.47 -14.53
C SER D 48 -30.40 -14.87 -14.05
N CYS D 49 -29.84 -15.41 -12.97
CA CYS D 49 -28.60 -14.88 -12.47
C CYS D 49 -27.48 -15.26 -13.42
N ALA D 50 -27.59 -16.39 -14.10
CA ALA D 50 -26.54 -16.76 -15.03
C ALA D 50 -26.55 -15.77 -16.19
N GLN D 51 -27.74 -15.37 -16.64
CA GLN D 51 -27.77 -14.41 -17.74
C GLN D 51 -27.36 -13.03 -17.22
N GLN D 52 -27.71 -12.68 -15.99
CA GLN D 52 -27.33 -11.37 -15.47
C GLN D 52 -25.80 -11.27 -15.42
N ALA D 53 -25.13 -12.39 -15.11
CA ALA D 53 -23.69 -12.39 -15.05
C ALA D 53 -23.09 -12.11 -16.43
N GLN D 54 -23.74 -12.61 -17.47
CA GLN D 54 -23.25 -12.38 -18.84
C GLN D 54 -23.50 -10.91 -19.19
N ASN D 55 -24.65 -10.37 -18.76
CA ASN D 55 -24.94 -8.99 -19.07
C ASN D 55 -23.83 -8.13 -18.50
N VAL D 56 -23.60 -8.25 -17.20
CA VAL D 56 -22.53 -7.52 -16.53
C VAL D 56 -21.22 -7.68 -17.27
N GLN D 57 -20.90 -8.90 -17.70
CA GLN D 57 -19.64 -9.16 -18.40
C GLN D 57 -19.47 -8.55 -19.78
N SER D 58 -20.51 -8.65 -20.62
CA SER D 58 -20.38 -8.12 -21.96
C SER D 58 -20.16 -6.60 -21.85
N TYR D 59 -20.83 -5.96 -20.89
CA TYR D 59 -20.64 -4.53 -20.68
C TYR D 59 -19.16 -4.21 -20.39
N HIS D 60 -18.59 -4.88 -19.40
CA HIS D 60 -17.17 -4.64 -19.07
C HIS D 60 -16.22 -4.99 -20.21
N VAL D 61 -16.57 -6.00 -21.00
CA VAL D 61 -15.74 -6.47 -22.10
C VAL D 61 -15.97 -5.79 -23.46
N ARG D 62 -17.22 -5.78 -23.92
CA ARG D 62 -17.57 -5.17 -25.20
C ARG D 62 -17.57 -3.63 -25.17
N ASN D 63 -18.32 -3.06 -24.23
CA ASN D 63 -18.41 -1.60 -24.15
C ASN D 63 -17.16 -0.89 -23.68
N LEU D 64 -16.58 -1.43 -22.62
CA LEU D 64 -15.42 -0.87 -21.97
C LEU D 64 -14.06 -1.41 -22.37
N GLY D 65 -14.06 -2.39 -23.27
CA GLY D 65 -12.81 -2.98 -23.74
C GLY D 65 -11.89 -3.58 -22.69
N TRP D 66 -12.48 -4.23 -21.70
CA TRP D 66 -11.71 -4.87 -20.64
C TRP D 66 -11.44 -6.34 -20.94
N CYS D 67 -10.33 -6.83 -20.40
CA CYS D 67 -9.86 -8.21 -20.54
C CYS D 67 -10.92 -9.26 -20.11
N ASP D 68 -11.74 -8.93 -19.13
CA ASP D 68 -12.74 -9.86 -18.60
C ASP D 68 -13.64 -9.05 -17.66
N VAL D 69 -14.68 -9.68 -17.14
CA VAL D 69 -15.59 -9.02 -16.20
C VAL D 69 -14.69 -8.47 -15.08
N GLY D 70 -15.03 -7.30 -14.57
CA GLY D 70 -14.20 -6.67 -13.55
C GLY D 70 -14.08 -7.23 -12.14
N TYR D 71 -15.07 -8.00 -11.71
CA TYR D 71 -15.05 -8.54 -10.36
C TYR D 71 -14.48 -9.94 -10.27
N ASN D 72 -13.99 -10.30 -9.09
CA ASN D 72 -13.43 -11.62 -8.90
C ASN D 72 -14.58 -12.62 -8.69
N PHE D 73 -15.67 -12.20 -8.04
CA PHE D 73 -16.84 -13.07 -7.82
C PHE D 73 -18.14 -12.24 -7.80
N LEU D 74 -19.23 -12.84 -8.28
CA LEU D 74 -20.53 -12.17 -8.32
C LEU D 74 -21.52 -12.98 -7.47
N ILE D 75 -22.26 -12.29 -6.59
CA ILE D 75 -23.25 -12.92 -5.70
C ILE D 75 -24.67 -12.74 -6.24
N GLY D 76 -25.40 -13.83 -6.43
CA GLY D 76 -26.77 -13.69 -6.94
C GLY D 76 -27.77 -13.84 -5.82
N GLU D 77 -29.02 -13.45 -6.04
CA GLU D 77 -30.02 -13.61 -4.99
C GLU D 77 -30.69 -14.98 -5.11
N ASP D 78 -30.19 -15.79 -6.03
CA ASP D 78 -30.66 -17.15 -6.22
C ASP D 78 -29.89 -17.86 -5.11
N GLY D 79 -28.95 -17.13 -4.49
CA GLY D 79 -28.15 -17.67 -3.40
C GLY D 79 -26.88 -18.41 -3.81
N LEU D 80 -26.50 -18.21 -5.07
CA LEU D 80 -25.33 -18.83 -5.66
C LEU D 80 -24.23 -17.79 -5.95
N VAL D 81 -22.98 -18.26 -6.02
CA VAL D 81 -21.82 -17.42 -6.30
C VAL D 81 -21.37 -17.69 -7.72
N TYR D 82 -21.15 -16.65 -8.50
CA TYR D 82 -20.70 -16.84 -9.86
C TYR D 82 -19.21 -16.54 -9.99
N GLU D 83 -18.47 -17.48 -10.57
CA GLU D 83 -17.03 -17.29 -10.72
C GLU D 83 -16.73 -16.10 -11.64
N GLY D 84 -16.01 -15.12 -11.11
CA GLY D 84 -15.63 -13.96 -11.90
C GLY D 84 -14.20 -14.19 -12.31
N ARG D 85 -13.28 -13.28 -11.98
CA ARG D 85 -11.89 -13.50 -12.35
C ARG D 85 -11.27 -14.42 -11.31
N GLY D 86 -12.07 -14.77 -10.32
CA GLY D 86 -11.63 -15.67 -9.26
C GLY D 86 -10.58 -15.17 -8.28
N TRP D 87 -9.98 -16.14 -7.59
CA TRP D 87 -8.97 -15.89 -6.57
C TRP D 87 -7.58 -15.43 -6.97
N ASN D 88 -7.11 -15.85 -8.13
CA ASN D 88 -5.75 -15.55 -8.54
C ASN D 88 -5.45 -14.41 -9.51
N ILE D 89 -6.46 -13.95 -10.22
CA ILE D 89 -6.29 -12.91 -11.21
C ILE D 89 -6.74 -11.53 -10.72
N LYS D 90 -5.91 -10.52 -10.96
CA LYS D 90 -6.26 -9.18 -10.53
C LYS D 90 -7.52 -8.68 -11.17
N GLY D 91 -8.43 -8.21 -10.30
CA GLY D 91 -9.69 -7.69 -10.77
C GLY D 91 -9.58 -6.21 -11.07
N ALA D 92 -10.65 -5.64 -11.63
CA ALA D 92 -10.72 -4.22 -11.97
C ALA D 92 -12.02 -3.78 -11.33
N HIS D 93 -11.94 -3.35 -10.08
CA HIS D 93 -13.15 -2.98 -9.37
C HIS D 93 -13.07 -1.83 -8.37
N ALA D 94 -11.87 -1.46 -7.94
CA ALA D 94 -11.73 -0.39 -6.97
C ALA D 94 -10.49 0.51 -7.14
N GLY D 95 -10.11 0.76 -8.39
CA GLY D 95 -8.96 1.61 -8.64
C GLY D 95 -7.63 0.89 -8.53
N PRO D 96 -6.54 1.51 -9.03
CA PRO D 96 -5.18 0.97 -9.03
C PRO D 96 -4.51 0.80 -7.67
N THR D 97 -5.12 1.33 -6.61
CA THR D 97 -4.52 1.19 -5.30
C THR D 97 -5.00 -0.07 -4.60
N TRP D 98 -6.22 -0.49 -4.90
CA TRP D 98 -6.78 -1.66 -4.25
C TRP D 98 -6.92 -2.90 -5.14
N ASN D 99 -6.97 -2.71 -6.45
CA ASN D 99 -7.11 -3.84 -7.32
C ASN D 99 -6.04 -4.91 -7.12
N PRO D 100 -4.77 -4.50 -6.93
CA PRO D 100 -3.69 -5.49 -6.73
C PRO D 100 -3.53 -6.01 -5.33
N ILE D 101 -4.26 -5.46 -4.37
CA ILE D 101 -4.12 -5.96 -3.02
C ILE D 101 -5.45 -6.37 -2.39
N SER D 102 -6.45 -6.64 -3.23
CA SER D 102 -7.78 -7.06 -2.76
C SER D 102 -8.55 -7.90 -3.78
N ILE D 103 -9.60 -8.54 -3.28
CA ILE D 103 -10.52 -9.41 -4.04
C ILE D 103 -11.85 -8.65 -4.07
N GLY D 104 -12.45 -8.49 -5.26
CA GLY D 104 -13.71 -7.76 -5.37
C GLY D 104 -14.93 -8.64 -5.56
N ILE D 105 -15.82 -8.66 -4.56
CA ILE D 105 -17.03 -9.46 -4.65
C ILE D 105 -18.21 -8.50 -4.80
N SER D 106 -18.91 -8.70 -5.91
CA SER D 106 -20.04 -7.85 -6.31
C SER D 106 -21.43 -8.49 -6.14
N PHE D 107 -22.37 -7.77 -5.53
CA PHE D 107 -23.73 -8.29 -5.38
C PHE D 107 -24.51 -7.77 -6.58
N MET D 108 -25.07 -8.69 -7.37
CA MET D 108 -25.85 -8.31 -8.55
C MET D 108 -27.19 -7.69 -8.18
N GLY D 109 -27.30 -6.38 -8.35
CA GLY D 109 -28.53 -5.71 -8.01
C GLY D 109 -28.23 -4.38 -7.36
N ASN D 110 -29.26 -3.59 -7.09
CA ASN D 110 -29.10 -2.27 -6.49
C ASN D 110 -29.61 -2.30 -5.06
N TYR D 111 -28.73 -2.05 -4.12
CA TYR D 111 -29.11 -2.12 -2.73
C TYR D 111 -29.24 -0.84 -1.92
N MET D 112 -29.66 0.24 -2.58
CA MET D 112 -29.82 1.52 -1.93
C MET D 112 -31.00 1.50 -0.94
N ASN D 113 -32.06 0.77 -1.27
CA ASN D 113 -33.19 0.61 -0.34
C ASN D 113 -33.83 -0.77 -0.48
N ARG D 114 -32.94 -1.74 -0.70
CA ARG D 114 -33.29 -3.16 -0.81
C ARG D 114 -32.24 -3.90 0.00
N VAL D 115 -32.65 -4.89 0.78
CA VAL D 115 -31.64 -5.65 1.51
C VAL D 115 -31.46 -6.88 0.65
N PRO D 116 -30.33 -7.57 0.78
CA PRO D 116 -30.25 -8.77 -0.07
C PRO D 116 -30.94 -9.85 0.81
N PRO D 117 -31.49 -10.91 0.20
CA PRO D 117 -32.16 -11.98 0.95
C PRO D 117 -31.10 -12.81 1.69
N PRO D 118 -31.41 -13.26 2.91
CA PRO D 118 -30.50 -14.05 3.75
C PRO D 118 -29.54 -14.97 2.99
N ARG D 119 -30.07 -15.68 2.01
CA ARG D 119 -29.27 -16.61 1.25
C ARG D 119 -28.22 -15.99 0.35
N ALA D 120 -28.21 -14.67 0.21
CA ALA D 120 -27.18 -14.04 -0.60
C ALA D 120 -26.08 -13.62 0.37
N LEU D 121 -26.47 -13.16 1.55
CA LEU D 121 -25.50 -12.77 2.57
C LEU D 121 -24.76 -14.02 2.99
N ARG D 122 -25.52 -15.09 3.16
CA ARG D 122 -24.97 -16.38 3.56
C ARG D 122 -23.95 -16.91 2.51
N ALA D 123 -24.25 -16.72 1.23
CA ALA D 123 -23.35 -17.15 0.15
C ALA D 123 -22.03 -16.35 0.19
N ALA D 124 -22.15 -15.05 0.40
CA ALA D 124 -20.99 -14.16 0.47
C ALA D 124 -20.07 -14.53 1.63
N GLN D 125 -20.71 -14.83 2.76
CA GLN D 125 -19.99 -15.17 3.98
C GLN D 125 -19.32 -16.52 3.87
N ASN D 126 -19.98 -17.40 3.13
CA ASN D 126 -19.50 -18.75 2.92
C ASN D 126 -18.30 -18.70 1.97
N LEU D 127 -18.43 -17.89 0.93
CA LEU D 127 -17.38 -17.73 -0.07
C LEU D 127 -16.11 -17.21 0.57
N LEU D 128 -16.26 -16.41 1.63
CA LEU D 128 -15.11 -15.87 2.31
C LEU D 128 -14.44 -16.94 3.20
N ALA D 129 -15.24 -17.77 3.86
CA ALA D 129 -14.70 -18.85 4.71
C ALA D 129 -13.90 -19.77 3.78
N CYS D 130 -14.36 -19.86 2.55
CA CYS D 130 -13.77 -20.66 1.50
C CYS D 130 -12.38 -20.10 1.20
N GLY D 131 -12.34 -18.81 0.90
CA GLY D 131 -11.12 -18.10 0.60
C GLY D 131 -10.04 -18.24 1.64
N VAL D 132 -10.45 -18.35 2.91
CA VAL D 132 -9.46 -18.51 3.96
C VAL D 132 -8.99 -19.95 3.93
N ALA D 133 -9.93 -20.89 3.91
CA ALA D 133 -9.59 -22.31 3.87
C ALA D 133 -8.60 -22.65 2.77
N LEU D 134 -8.70 -21.98 1.62
CA LEU D 134 -7.78 -22.24 0.52
C LEU D 134 -6.47 -21.46 0.61
N GLY D 135 -6.35 -20.56 1.58
CA GLY D 135 -5.11 -19.81 1.66
C GLY D 135 -5.13 -18.69 0.64
N ALA D 136 -6.30 -18.44 0.05
CA ALA D 136 -6.43 -17.36 -0.93
C ALA D 136 -6.57 -16.05 -0.17
N LEU D 137 -7.11 -16.14 1.03
CA LEU D 137 -7.29 -14.94 1.87
C LEU D 137 -6.56 -15.12 3.17
N ARG D 138 -6.09 -14.01 3.74
CA ARG D 138 -5.41 -14.10 5.02
C ARG D 138 -6.51 -14.38 6.04
N SER D 139 -6.20 -15.15 7.07
CA SER D 139 -7.19 -15.49 8.08
C SER D 139 -7.76 -14.22 8.74
N ASN D 140 -6.97 -13.16 8.79
CA ASN D 140 -7.45 -11.91 9.37
C ASN D 140 -7.70 -10.84 8.29
N TYR D 141 -8.28 -11.28 7.16
CA TYR D 141 -8.58 -10.39 6.05
C TYR D 141 -9.57 -9.33 6.53
N GLU D 142 -9.54 -8.17 5.88
CA GLU D 142 -10.41 -7.05 6.23
C GLU D 142 -11.42 -6.74 5.13
N VAL D 143 -12.64 -6.43 5.53
CA VAL D 143 -13.65 -6.12 4.53
C VAL D 143 -13.87 -4.61 4.45
N LYS D 144 -14.04 -4.15 3.21
CA LYS D 144 -14.24 -2.75 2.90
C LYS D 144 -15.41 -2.55 1.96
N GLY D 145 -16.21 -1.52 2.22
CA GLY D 145 -17.34 -1.24 1.36
C GLY D 145 -16.77 -0.51 0.17
N HIS D 146 -17.36 -0.68 -1.01
CA HIS D 146 -16.85 -0.03 -2.22
C HIS D 146 -16.64 1.47 -2.01
N ARG D 147 -17.63 2.12 -1.40
CA ARG D 147 -17.63 3.56 -1.14
C ARG D 147 -16.61 4.02 -0.10
N ASP D 148 -15.93 3.06 0.51
CA ASP D 148 -14.93 3.39 1.52
C ASP D 148 -13.58 3.59 0.86
N VAL D 149 -13.42 3.09 -0.36
CA VAL D 149 -12.15 3.23 -1.05
C VAL D 149 -12.24 4.02 -2.36
N GLN D 150 -13.46 4.31 -2.79
CA GLN D 150 -13.60 5.18 -3.96
C GLN D 150 -14.99 5.83 -4.00
N PRO D 151 -15.10 6.96 -4.69
CA PRO D 151 -16.38 7.68 -4.77
C PRO D 151 -17.47 7.01 -5.58
N THR D 152 -18.39 6.41 -4.86
CA THR D 152 -19.51 5.71 -5.46
C THR D 152 -20.53 5.55 -4.33
N LEU D 153 -21.76 5.20 -4.68
CA LEU D 153 -22.79 5.02 -3.68
C LEU D 153 -22.80 3.55 -3.31
N SER D 154 -21.99 2.80 -4.06
CA SER D 154 -21.80 1.36 -3.91
C SER D 154 -21.24 1.08 -2.53
N PRO D 155 -21.67 -0.01 -1.88
CA PRO D 155 -22.61 -1.05 -2.28
C PRO D 155 -24.09 -0.79 -2.01
N GLY D 156 -24.48 0.47 -1.89
CA GLY D 156 -25.87 0.76 -1.62
C GLY D 156 -26.04 0.92 -0.13
N ASP D 157 -26.82 1.91 0.28
CA ASP D 157 -27.05 2.20 1.70
C ASP D 157 -27.38 0.99 2.54
N ARG D 158 -28.35 0.22 2.08
CA ARG D 158 -28.76 -0.90 2.87
C ARG D 158 -27.72 -2.00 3.04
N LEU D 159 -27.05 -2.38 1.95
CA LEU D 159 -26.00 -3.37 2.03
C LEU D 159 -24.85 -2.78 2.85
N TYR D 160 -24.50 -1.53 2.58
CA TYR D 160 -23.40 -0.92 3.33
C TYR D 160 -23.62 -1.10 4.84
N GLU D 161 -24.84 -0.87 5.30
CA GLU D 161 -25.18 -1.00 6.72
C GLU D 161 -24.99 -2.44 7.20
N ILE D 162 -25.33 -3.40 6.35
CA ILE D 162 -25.17 -4.79 6.74
C ILE D 162 -23.71 -5.19 6.94
N ILE D 163 -22.86 -4.93 5.95
CA ILE D 163 -21.45 -5.31 6.01
C ILE D 163 -20.65 -4.68 7.14
N GLN D 164 -21.11 -3.55 7.65
CA GLN D 164 -20.42 -2.85 8.73
C GLN D 164 -20.53 -3.56 10.06
N THR D 165 -21.39 -4.57 10.06
CA THR D 165 -21.70 -5.39 11.22
C THR D 165 -20.78 -6.62 11.22
N TRP D 166 -20.15 -6.86 10.08
CA TRP D 166 -19.26 -8.02 9.91
C TRP D 166 -17.98 -8.09 10.71
N SER D 167 -17.77 -9.30 11.22
CA SER D 167 -16.63 -9.66 12.01
C SER D 167 -15.30 -9.20 11.41
N HIS D 168 -15.25 -9.05 10.09
CA HIS D 168 -14.01 -8.62 9.46
C HIS D 168 -14.01 -7.20 8.92
N TYR D 169 -15.11 -6.49 9.12
CA TYR D 169 -15.15 -5.12 8.63
C TYR D 169 -14.17 -4.21 9.39
N ARG D 170 -13.42 -3.38 8.64
CA ARG D 170 -12.48 -2.42 9.22
C ARG D 170 -12.60 -1.06 8.52
N ALA D 171 -12.68 0.00 9.34
CA ALA D 171 -12.82 1.42 8.94
C ALA D 171 -12.74 1.80 7.47
C1 NAG E . -5.05 11.08 -9.27
C2 NAG E . -4.86 9.58 -9.52
C3 NAG E . -5.83 8.81 -8.61
C4 NAG E . -5.46 9.19 -7.18
C5 NAG E . -5.69 10.72 -6.99
C6 NAG E . -5.66 11.28 -5.56
C7 NAG E . -4.99 8.21 -11.74
C8 NAG E . -4.72 8.40 -13.19
N2 NAG E . -4.79 9.30 -10.97
O1 NAG E . -4.16 11.79 -10.09
O3 NAG E . -5.77 7.41 -8.79
O4 NAG E . -6.18 8.39 -6.27
O5 NAG E . -4.85 11.43 -7.90
O6 NAG E . -4.39 11.45 -4.92
O7 NAG E . -5.37 7.12 -11.35
O1 TLA F . -22.73 7.28 -8.98
O11 TLA F . -24.56 6.60 -9.93
C1 TLA F . -23.44 6.38 -9.43
C2 TLA F . -22.89 4.97 -9.35
O2 TLA F . -23.68 4.00 -10.01
C3 TLA F . -22.87 4.55 -7.91
O3 TLA F . -23.63 5.53 -7.22
C4 TLA F . -23.40 3.13 -7.76
O4 TLA F . -22.88 2.21 -8.41
O41 TLA F . -24.29 2.86 -6.94
#